data_1GUZ
#
_entry.id   1GUZ
#
_cell.length_a   83.890
_cell.length_b   117.390
_cell.length_c   125.330
_cell.angle_alpha   90.00
_cell.angle_beta   90.00
_cell.angle_gamma   90.00
#
_symmetry.space_group_name_H-M   'P 21 21 21'
#
loop_
_entity.id
_entity.type
_entity.pdbx_description
1 polymer 'MALATE DEHYDROGENASE'
2 non-polymer NICOTINAMIDE-ADENINE-DINUCLEOTIDE
3 water water
#
_entity_poly.entity_id   1
_entity_poly.type   'polypeptide(L)'
_entity_poly.pdbx_seq_one_letter_code
;MKITVIGAGNVGATTAFRLAEKQLARELVLLDVVEGIPQGKALDMYESGPVGLFDTKVTGSNDYADTANSDIVIITAGLP
RKPGMTREDLLMKNAGIVKEVTDNIMKHSKNPIIIVVSNPLDIMTHVAWVRSGLPKERVIGMAGVLDAARFRSFIAMELG
VSMQDINACVLGGHGDAMVPVVKYTTVAGIPISDLLPAETIDKLVERTRNGGAEIVEHLKQGSAFYAPASSVVEMVESIV
LDRKRVLPCAVGLEGQYGIDKTFVGVPVKLGRNGVEQIYEINLDQADLDLLQKSAKIVDENCKMLESTIG
;
_entity_poly.pdbx_strand_id   A,B,C,D
#
loop_
_chem_comp.id
_chem_comp.type
_chem_comp.name
_chem_comp.formula
NAD non-polymer NICOTINAMIDE-ADENINE-DINUCLEOTIDE 'C21 H27 N7 O14 P2'
#
# COMPACT_ATOMS: atom_id res chain seq x y z
N MET A 1 -14.56 9.27 -10.22
CA MET A 1 -15.15 9.10 -8.87
C MET A 1 -15.00 10.38 -8.05
N LYS A 2 -16.13 10.94 -7.62
CA LYS A 2 -16.12 12.15 -6.80
C LYS A 2 -16.80 11.85 -5.48
N ILE A 3 -16.15 12.20 -4.38
CA ILE A 3 -16.72 11.93 -3.06
C ILE A 3 -16.81 13.19 -2.21
N THR A 4 -17.97 13.37 -1.56
CA THR A 4 -18.19 14.51 -0.68
C THR A 4 -18.31 14.02 0.76
N VAL A 5 -17.62 14.72 1.66
CA VAL A 5 -17.67 14.39 3.08
C VAL A 5 -18.28 15.59 3.77
N ILE A 6 -19.49 15.41 4.29
CA ILE A 6 -20.18 16.49 4.99
C ILE A 6 -19.75 16.50 6.44
N GLY A 7 -19.17 17.62 6.86
CA GLY A 7 -18.70 17.74 8.23
C GLY A 7 -17.19 17.64 8.23
N ALA A 8 -16.52 18.70 8.67
CA ALA A 8 -15.06 18.76 8.71
C ALA A 8 -14.49 18.60 10.09
N GLY A 9 -15.20 17.87 10.95
CA GLY A 9 -14.72 17.66 12.31
C GLY A 9 -13.74 16.50 12.35
N ASN A 10 -13.50 15.97 13.54
CA ASN A 10 -12.55 14.87 13.69
C ASN A 10 -12.82 13.66 12.79
N VAL A 11 -14.06 13.19 12.76
CA VAL A 11 -14.39 12.03 11.94
C VAL A 11 -14.42 12.32 10.44
N GLY A 12 -14.98 13.45 10.06
CA GLY A 12 -15.07 13.80 8.66
C GLY A 12 -13.71 14.04 8.03
N ALA A 13 -12.87 14.81 8.70
CA ALA A 13 -11.54 15.13 8.19
C ALA A 13 -10.65 13.90 8.15
N THR A 14 -10.66 13.12 9.23
CA THR A 14 -9.84 11.90 9.27
C THR A 14 -10.25 10.98 8.13
N THR A 15 -11.55 10.93 7.84
CA THR A 15 -12.08 10.12 6.75
C THR A 15 -11.66 10.67 5.38
N ALA A 16 -11.74 11.97 5.23
CA ALA A 16 -11.38 12.63 3.98
C ALA A 16 -9.91 12.36 3.64
N PHE A 17 -9.06 12.47 4.65
CA PHE A 17 -7.62 12.27 4.48
C PHE A 17 -7.30 10.85 4.07
N ARG A 18 -7.89 9.86 4.76
CA ARG A 18 -7.65 8.47 4.45
C ARG A 18 -8.10 8.16 3.01
N LEU A 19 -9.25 8.72 2.63
CA LEU A 19 -9.81 8.54 1.30
C LEU A 19 -8.87 9.15 0.25
N ALA A 20 -8.36 10.34 0.52
CA ALA A 20 -7.45 11.03 -0.39
C ALA A 20 -6.21 10.17 -0.61
N GLU A 21 -5.59 9.73 0.48
CA GLU A 21 -4.40 8.89 0.40
C GLU A 21 -4.57 7.58 -0.34
N LYS A 22 -5.68 6.89 -0.10
CA LYS A 22 -5.93 5.61 -0.77
C LYS A 22 -6.32 5.84 -2.24
N GLN A 23 -6.41 7.10 -2.62
CA GLN A 23 -6.76 7.48 -3.99
C GLN A 23 -8.04 6.83 -4.47
N LEU A 24 -8.99 6.65 -3.55
CA LEU A 24 -10.27 6.05 -3.88
C LEU A 24 -11.16 6.95 -4.72
N ALA A 25 -10.72 8.19 -4.93
CA ALA A 25 -11.47 9.16 -5.74
C ALA A 25 -10.51 10.20 -6.28
N ARG A 26 -10.77 10.74 -7.47
CA ARG A 26 -9.89 11.76 -8.01
C ARG A 26 -10.26 13.12 -7.43
N GLU A 27 -11.53 13.26 -7.06
CA GLU A 27 -12.03 14.50 -6.48
C GLU A 27 -12.66 14.21 -5.13
N LEU A 28 -12.29 14.99 -4.13
CA LEU A 28 -12.83 14.82 -2.79
C LEU A 28 -13.19 16.20 -2.25
N VAL A 29 -14.47 16.40 -1.95
CA VAL A 29 -14.94 17.67 -1.41
C VAL A 29 -15.28 17.55 0.06
N LEU A 30 -14.70 18.44 0.86
CA LEU A 30 -14.94 18.45 2.29
C LEU A 30 -15.80 19.71 2.56
N LEU A 31 -17.05 19.51 2.95
CA LEU A 31 -17.94 20.63 3.22
C LEU A 31 -18.36 20.72 4.67
N ASP A 32 -18.54 21.94 5.15
CA ASP A 32 -18.95 22.18 6.53
C ASP A 32 -19.72 23.51 6.55
N VAL A 33 -20.42 23.77 7.66
CA VAL A 33 -21.18 25.00 7.78
C VAL A 33 -20.26 26.15 8.16
N VAL A 34 -19.28 25.86 9.02
CA VAL A 34 -18.34 26.89 9.47
C VAL A 34 -17.30 27.23 8.40
N GLU A 35 -17.23 28.50 8.04
CA GLU A 35 -16.27 28.99 7.04
C GLU A 35 -14.86 28.86 7.60
N GLY A 36 -13.91 28.48 6.74
CA GLY A 36 -12.53 28.35 7.19
C GLY A 36 -12.01 26.94 7.40
N ILE A 37 -12.56 26.25 8.40
CA ILE A 37 -12.16 24.89 8.75
C ILE A 37 -12.03 23.93 7.57
N PRO A 38 -13.10 23.76 6.77
CA PRO A 38 -13.00 22.84 5.63
C PRO A 38 -11.96 23.26 4.61
N GLN A 39 -11.84 24.57 4.40
CA GLN A 39 -10.87 25.10 3.45
C GLN A 39 -9.46 24.76 3.95
N GLY A 40 -9.23 25.05 5.23
CA GLY A 40 -7.94 24.79 5.83
C GLY A 40 -7.49 23.35 5.84
N LYS A 41 -8.34 22.46 6.37
CA LYS A 41 -8.00 21.04 6.45
C LYS A 41 -7.77 20.40 5.09
N ALA A 42 -8.67 20.70 4.15
CA ALA A 42 -8.57 20.17 2.81
C ALA A 42 -7.24 20.55 2.16
N LEU A 43 -6.84 21.81 2.35
CA LEU A 43 -5.59 22.31 1.77
C LEU A 43 -4.41 21.60 2.43
N ASP A 44 -4.51 21.43 3.75
CA ASP A 44 -3.48 20.77 4.52
C ASP A 44 -3.31 19.33 4.03
N MET A 45 -4.43 18.70 3.68
CA MET A 45 -4.42 17.33 3.19
C MET A 45 -3.78 17.28 1.80
N TYR A 46 -4.24 18.15 0.91
CA TYR A 46 -3.71 18.19 -0.44
C TYR A 46 -2.21 18.42 -0.40
N GLU A 47 -1.76 19.38 0.41
CA GLU A 47 -0.34 19.69 0.53
C GLU A 47 0.49 18.52 1.05
N SER A 48 -0.17 17.44 1.45
CA SER A 48 0.58 16.29 1.94
C SER A 48 0.73 15.29 0.81
N GLY A 49 -0.03 15.50 -0.25
CA GLY A 49 0.01 14.62 -1.41
C GLY A 49 1.40 14.40 -1.99
N PRO A 50 2.31 15.40 -1.96
CA PRO A 50 3.66 15.22 -2.51
C PRO A 50 4.40 14.15 -1.75
N VAL A 51 4.09 14.05 -0.46
CA VAL A 51 4.73 13.07 0.40
C VAL A 51 3.91 11.77 0.46
N GLY A 52 2.59 11.90 0.48
CA GLY A 52 1.73 10.72 0.53
C GLY A 52 1.66 10.00 -0.81
N LEU A 53 2.13 10.67 -1.86
CA LEU A 53 2.15 10.11 -3.20
C LEU A 53 0.75 9.92 -3.77
N PHE A 54 -0.07 10.96 -3.66
CA PHE A 54 -1.42 10.91 -4.21
C PHE A 54 -1.73 12.28 -4.83
N ASP A 55 -2.53 12.29 -5.89
CA ASP A 55 -2.87 13.55 -6.55
C ASP A 55 -4.37 13.84 -6.44
N THR A 56 -5.02 13.16 -5.49
CA THR A 56 -6.44 13.35 -5.24
C THR A 56 -6.69 14.84 -5.05
N LYS A 57 -7.60 15.41 -5.83
CA LYS A 57 -7.91 16.83 -5.68
C LYS A 57 -8.81 16.99 -4.46
N VAL A 58 -8.24 17.46 -3.36
CA VAL A 58 -9.01 17.66 -2.14
C VAL A 58 -9.25 19.14 -1.93
N THR A 59 -10.51 19.54 -1.94
CA THR A 59 -10.88 20.93 -1.73
C THR A 59 -11.91 21.07 -0.63
N GLY A 60 -11.90 22.22 0.05
CA GLY A 60 -12.83 22.49 1.12
C GLY A 60 -13.85 23.51 0.68
N SER A 61 -15.07 23.42 1.20
CA SER A 61 -16.13 24.35 0.80
C SER A 61 -17.24 24.55 1.82
N ASN A 62 -18.11 25.52 1.52
CA ASN A 62 -19.26 25.84 2.34
C ASN A 62 -20.41 26.02 1.37
N ASP A 63 -20.20 25.57 0.14
CA ASP A 63 -21.21 25.68 -0.92
C ASP A 63 -21.56 24.32 -1.48
N TYR A 64 -22.81 23.90 -1.29
CA TYR A 64 -23.24 22.60 -1.78
C TYR A 64 -23.13 22.45 -3.29
N ALA A 65 -22.89 23.55 -3.98
CA ALA A 65 -22.75 23.49 -5.43
C ALA A 65 -21.48 22.71 -5.77
N ASP A 66 -20.46 22.88 -4.93
CA ASP A 66 -19.18 22.21 -5.13
C ASP A 66 -19.32 20.69 -5.01
N THR A 67 -20.40 20.23 -4.41
CA THR A 67 -20.63 18.79 -4.24
C THR A 67 -21.41 18.23 -5.42
N ALA A 68 -21.74 19.07 -6.38
CA ALA A 68 -22.52 18.65 -7.55
C ALA A 68 -22.04 17.33 -8.16
N ASN A 69 -23.00 16.44 -8.41
CA ASN A 69 -22.72 15.14 -9.03
C ASN A 69 -21.74 14.23 -8.29
N SER A 70 -21.86 14.13 -6.97
CA SER A 70 -20.98 13.26 -6.20
C SER A 70 -21.48 11.82 -6.31
N ASP A 71 -20.57 10.88 -6.50
CA ASP A 71 -20.94 9.48 -6.62
C ASP A 71 -21.26 8.90 -5.24
N ILE A 72 -20.61 9.45 -4.23
CA ILE A 72 -20.82 9.00 -2.86
C ILE A 72 -20.76 10.22 -1.95
N VAL A 73 -21.68 10.27 -0.99
CA VAL A 73 -21.75 11.36 -0.02
C VAL A 73 -21.74 10.79 1.40
N ILE A 74 -20.78 11.25 2.19
CA ILE A 74 -20.63 10.80 3.56
C ILE A 74 -21.06 11.90 4.52
N ILE A 75 -22.07 11.60 5.32
CA ILE A 75 -22.60 12.57 6.28
C ILE A 75 -22.07 12.32 7.70
N THR A 76 -21.28 13.26 8.21
CA THR A 76 -20.74 13.14 9.55
C THR A 76 -21.10 14.40 10.33
N ALA A 77 -22.09 15.14 9.82
CA ALA A 77 -22.52 16.38 10.44
C ALA A 77 -23.24 16.18 11.78
N GLY A 78 -23.12 17.18 12.65
CA GLY A 78 -23.75 17.12 13.96
C GLY A 78 -22.81 17.46 15.09
N LEU A 79 -22.87 16.66 16.15
CA LEU A 79 -22.02 16.82 17.34
C LEU A 79 -22.32 15.64 18.25
N PRO A 80 -21.27 14.92 18.69
CA PRO A 80 -21.38 13.75 19.56
C PRO A 80 -22.56 13.71 20.54
N ARG A 81 -22.41 14.37 21.69
CA ARG A 81 -23.43 14.42 22.72
C ARG A 81 -22.81 14.99 23.99
N LYS A 82 -22.73 16.32 24.09
CA LYS A 82 -22.14 16.92 25.28
C LYS A 82 -22.63 16.21 26.53
N PRO A 83 -21.74 16.01 27.52
CA PRO A 83 -22.16 15.34 28.75
C PRO A 83 -23.38 16.02 29.32
N GLY A 84 -24.37 15.22 29.73
CA GLY A 84 -25.57 15.79 30.31
C GLY A 84 -26.72 15.95 29.32
N MET A 85 -26.45 15.71 28.04
CA MET A 85 -27.49 15.82 27.02
C MET A 85 -28.55 14.72 27.12
N THR A 86 -29.74 15.02 26.61
CA THR A 86 -30.86 14.07 26.63
C THR A 86 -30.94 13.31 25.31
N ARG A 87 -31.43 12.07 25.38
CA ARG A 87 -31.56 11.25 24.20
C ARG A 87 -32.44 11.96 23.17
N GLU A 88 -33.63 12.38 23.61
CA GLU A 88 -34.57 13.06 22.73
C GLU A 88 -34.03 14.39 22.22
N ASP A 89 -33.21 15.04 23.02
CA ASP A 89 -32.62 16.31 22.64
C ASP A 89 -31.71 16.16 21.44
N LEU A 90 -30.79 15.20 21.50
CA LEU A 90 -29.87 14.96 20.41
C LEU A 90 -30.63 14.49 19.18
N LEU A 91 -31.64 13.64 19.39
CA LEU A 91 -32.44 13.10 18.31
C LEU A 91 -33.04 14.21 17.45
N MET A 92 -33.68 15.17 18.12
CA MET A 92 -34.30 16.27 17.41
C MET A 92 -33.26 17.12 16.69
N LYS A 93 -32.22 17.50 17.40
CA LYS A 93 -31.14 18.32 16.84
C LYS A 93 -30.58 17.70 15.57
N ASN A 94 -29.96 16.53 15.71
CA ASN A 94 -29.36 15.84 14.58
C ASN A 94 -30.35 15.49 13.48
N ALA A 95 -31.60 15.21 13.86
CA ALA A 95 -32.60 14.89 12.85
C ALA A 95 -32.70 16.10 11.92
N GLY A 96 -32.65 17.28 12.53
CA GLY A 96 -32.72 18.51 11.75
C GLY A 96 -31.50 18.63 10.87
N ILE A 97 -30.32 18.47 11.47
CA ILE A 97 -29.06 18.55 10.73
C ILE A 97 -29.07 17.61 9.53
N VAL A 98 -29.25 16.33 9.79
CA VAL A 98 -29.25 15.34 8.73
C VAL A 98 -30.28 15.66 7.65
N LYS A 99 -31.45 16.13 8.05
CA LYS A 99 -32.48 16.48 7.06
C LYS A 99 -32.00 17.62 6.18
N GLU A 100 -31.54 18.71 6.81
CA GLU A 100 -31.06 19.86 6.05
C GLU A 100 -29.95 19.46 5.07
N VAL A 101 -28.94 18.74 5.57
CA VAL A 101 -27.83 18.27 4.76
C VAL A 101 -28.28 17.41 3.59
N THR A 102 -29.14 16.43 3.89
CA THR A 102 -29.64 15.54 2.84
C THR A 102 -30.40 16.28 1.75
N ASP A 103 -31.28 17.20 2.13
CA ASP A 103 -32.03 17.95 1.13
C ASP A 103 -31.07 18.75 0.26
N ASN A 104 -30.03 19.30 0.88
CA ASN A 104 -29.05 20.08 0.15
C ASN A 104 -28.23 19.26 -0.86
N ILE A 105 -27.77 18.09 -0.46
CA ILE A 105 -26.97 17.29 -1.39
C ILE A 105 -27.81 16.76 -2.54
N MET A 106 -29.09 16.50 -2.29
CA MET A 106 -29.95 15.99 -3.37
C MET A 106 -30.25 17.11 -4.38
N LYS A 107 -30.06 18.35 -3.94
CA LYS A 107 -30.28 19.50 -4.80
C LYS A 107 -29.18 19.62 -5.85
N HIS A 108 -28.01 19.06 -5.54
CA HIS A 108 -26.87 19.14 -6.46
C HIS A 108 -26.36 17.78 -6.90
N SER A 109 -26.86 16.73 -6.27
CA SER A 109 -26.45 15.37 -6.60
C SER A 109 -27.65 14.44 -6.65
N LYS A 110 -27.84 13.83 -7.82
CA LYS A 110 -28.92 12.88 -8.00
C LYS A 110 -28.24 11.51 -7.95
N ASN A 111 -29.02 10.50 -7.58
CA ASN A 111 -28.55 9.13 -7.48
C ASN A 111 -27.19 8.82 -6.82
N PRO A 112 -26.80 9.56 -5.77
CA PRO A 112 -25.51 9.18 -5.20
C PRO A 112 -25.74 8.06 -4.20
N ILE A 113 -24.67 7.59 -3.56
CA ILE A 113 -24.78 6.58 -2.52
C ILE A 113 -24.50 7.42 -1.29
N ILE A 114 -25.39 7.36 -0.30
CA ILE A 114 -25.19 8.14 0.91
C ILE A 114 -24.78 7.22 2.06
N ILE A 115 -23.71 7.61 2.76
CA ILE A 115 -23.22 6.85 3.89
C ILE A 115 -23.35 7.75 5.09
N VAL A 116 -24.19 7.34 6.04
CA VAL A 116 -24.44 8.12 7.24
C VAL A 116 -23.61 7.68 8.45
N VAL A 117 -23.10 8.67 9.18
CA VAL A 117 -22.28 8.42 10.35
C VAL A 117 -22.83 9.12 11.59
N SER A 118 -23.66 10.14 11.38
CA SER A 118 -24.25 10.91 12.48
C SER A 118 -25.10 10.09 13.45
N ASN A 119 -25.05 10.43 14.74
CA ASN A 119 -25.81 9.73 15.80
C ASN A 119 -27.13 10.42 16.16
N PRO A 120 -28.18 9.63 16.53
CA PRO A 120 -28.19 8.17 16.63
C PRO A 120 -28.19 7.56 15.24
N LEU A 121 -27.17 6.76 14.95
CA LEU A 121 -27.02 6.18 13.63
C LEU A 121 -28.22 5.56 12.93
N ASP A 122 -28.84 4.56 13.54
CA ASP A 122 -29.99 3.91 12.91
C ASP A 122 -31.09 4.87 12.48
N ILE A 123 -31.49 5.76 13.37
CA ILE A 123 -32.54 6.72 13.05
C ILE A 123 -32.08 7.70 11.97
N MET A 124 -30.89 8.26 12.15
CA MET A 124 -30.37 9.22 11.17
C MET A 124 -30.24 8.63 9.77
N THR A 125 -29.84 7.36 9.68
CA THR A 125 -29.71 6.73 8.38
C THR A 125 -31.11 6.67 7.76
N HIS A 126 -32.11 6.45 8.61
CA HIS A 126 -33.50 6.39 8.18
C HIS A 126 -33.88 7.77 7.64
N VAL A 127 -33.64 8.78 8.47
CA VAL A 127 -33.93 10.16 8.12
C VAL A 127 -33.30 10.52 6.76
N ALA A 128 -32.01 10.26 6.63
CA ALA A 128 -31.32 10.56 5.38
C ALA A 128 -32.02 9.85 4.24
N TRP A 129 -32.35 8.59 4.45
CA TRP A 129 -33.03 7.82 3.42
C TRP A 129 -34.32 8.45 2.96
N VAL A 130 -35.23 8.72 3.89
CA VAL A 130 -36.51 9.31 3.52
C VAL A 130 -36.37 10.63 2.77
N ARG A 131 -35.43 11.47 3.17
CA ARG A 131 -35.23 12.75 2.51
C ARG A 131 -34.57 12.59 1.13
N SER A 132 -33.66 11.62 1.00
CA SER A 132 -32.96 11.40 -0.26
C SER A 132 -33.90 11.07 -1.41
N GLY A 133 -34.89 10.23 -1.14
CA GLY A 133 -35.83 9.83 -2.17
C GLY A 133 -35.29 8.69 -3.02
N LEU A 134 -34.12 8.18 -2.64
CA LEU A 134 -33.49 7.09 -3.39
C LEU A 134 -33.89 5.74 -2.82
N PRO A 135 -33.63 4.67 -3.58
CA PRO A 135 -33.99 3.33 -3.09
C PRO A 135 -33.16 3.11 -1.82
N LYS A 136 -33.68 2.30 -0.91
CA LYS A 136 -32.98 2.05 0.35
C LYS A 136 -31.59 1.49 0.12
N GLU A 137 -31.37 0.87 -1.04
CA GLU A 137 -30.07 0.28 -1.34
C GLU A 137 -28.96 1.30 -1.54
N ARG A 138 -29.31 2.57 -1.63
CA ARG A 138 -28.33 3.63 -1.84
C ARG A 138 -28.02 4.46 -0.59
N VAL A 139 -28.69 4.13 0.51
CA VAL A 139 -28.47 4.84 1.76
C VAL A 139 -28.11 3.80 2.81
N ILE A 140 -26.95 3.98 3.43
CA ILE A 140 -26.46 3.03 4.43
C ILE A 140 -25.75 3.72 5.57
N GLY A 141 -25.75 3.09 6.74
CA GLY A 141 -25.09 3.70 7.89
C GLY A 141 -23.94 2.86 8.41
N MET A 142 -22.96 3.55 8.99
CA MET A 142 -21.78 2.89 9.56
C MET A 142 -21.91 2.80 11.07
N ALA A 143 -21.82 1.58 11.60
CA ALA A 143 -21.89 1.36 13.04
C ALA A 143 -21.29 -0.01 13.38
N GLY A 144 -21.81 -1.05 12.74
CA GLY A 144 -21.32 -2.40 13.00
C GLY A 144 -19.82 -2.63 12.77
N VAL A 145 -19.30 -2.10 11.67
CA VAL A 145 -17.88 -2.26 11.37
C VAL A 145 -17.04 -1.75 12.54
N LEU A 146 -17.42 -0.60 13.08
CA LEU A 146 -16.72 -0.03 14.21
C LEU A 146 -16.84 -0.89 15.48
N ASP A 147 -18.04 -1.38 15.75
CA ASP A 147 -18.21 -2.22 16.94
C ASP A 147 -17.43 -3.50 16.78
N ALA A 148 -17.51 -4.07 15.58
CA ALA A 148 -16.78 -5.31 15.29
C ALA A 148 -15.28 -5.06 15.47
N ALA A 149 -14.80 -3.89 15.02
CA ALA A 149 -13.39 -3.54 15.14
C ALA A 149 -12.93 -3.53 16.60
N ARG A 150 -13.70 -2.86 17.46
CA ARG A 150 -13.33 -2.80 18.87
C ARG A 150 -13.33 -4.20 19.45
N PHE A 151 -14.41 -4.93 19.20
CA PHE A 151 -14.56 -6.30 19.69
C PHE A 151 -13.32 -7.11 19.29
N ARG A 152 -12.94 -7.03 18.02
CA ARG A 152 -11.77 -7.77 17.54
C ARG A 152 -10.49 -7.38 18.26
N SER A 153 -10.27 -6.09 18.52
CA SER A 153 -9.05 -5.67 19.19
C SER A 153 -9.00 -6.17 20.62
N PHE A 154 -10.16 -6.26 21.26
CA PHE A 154 -10.23 -6.74 22.64
C PHE A 154 -9.91 -8.22 22.66
N ILE A 155 -10.46 -8.96 21.68
CA ILE A 155 -10.20 -10.38 21.59
C ILE A 155 -8.71 -10.61 21.30
N ALA A 156 -8.10 -9.67 20.58
CA ALA A 156 -6.68 -9.76 20.22
C ALA A 156 -5.80 -9.60 21.43
N MET A 157 -6.17 -8.67 22.31
CA MET A 157 -5.42 -8.42 23.53
C MET A 157 -5.54 -9.63 24.45
N GLU A 158 -6.70 -10.27 24.39
CA GLU A 158 -6.97 -11.42 25.24
C GLU A 158 -6.17 -12.67 24.86
N LEU A 159 -6.09 -12.95 23.56
CA LEU A 159 -5.38 -14.13 23.10
C LEU A 159 -4.00 -13.90 22.50
N GLY A 160 -3.64 -12.65 22.27
CA GLY A 160 -2.35 -12.36 21.69
C GLY A 160 -2.22 -12.89 20.27
N VAL A 161 -3.22 -12.60 19.44
CA VAL A 161 -3.22 -13.02 18.04
C VAL A 161 -3.58 -11.80 17.19
N SER A 162 -3.15 -11.82 15.93
CA SER A 162 -3.40 -10.72 15.00
C SER A 162 -4.88 -10.41 14.86
N MET A 163 -5.21 -9.13 14.75
CA MET A 163 -6.60 -8.72 14.59
C MET A 163 -7.14 -9.04 13.22
N GLN A 164 -6.25 -9.41 12.31
CA GLN A 164 -6.64 -9.74 10.94
C GLN A 164 -7.27 -11.12 10.87
N ASP A 165 -6.99 -11.94 11.87
CA ASP A 165 -7.50 -13.30 11.90
C ASP A 165 -8.68 -13.45 12.87
N ILE A 166 -9.35 -12.34 13.17
CA ILE A 166 -10.49 -12.38 14.07
C ILE A 166 -11.73 -11.78 13.42
N ASN A 167 -12.83 -12.51 13.49
CA ASN A 167 -14.09 -12.04 12.93
C ASN A 167 -15.03 -11.77 14.10
N ALA A 168 -15.64 -10.58 14.11
CA ALA A 168 -16.58 -10.22 15.14
C ALA A 168 -17.91 -9.93 14.47
N CYS A 169 -18.93 -10.68 14.82
CA CYS A 169 -20.25 -10.48 14.23
C CYS A 169 -21.02 -9.56 15.16
N VAL A 170 -21.42 -8.39 14.66
CA VAL A 170 -22.17 -7.42 15.45
C VAL A 170 -23.33 -6.84 14.67
N LEU A 171 -24.55 -7.11 15.13
CA LEU A 171 -25.75 -6.60 14.46
C LEU A 171 -26.42 -5.56 15.36
N GLY A 172 -27.43 -4.89 14.82
CA GLY A 172 -28.15 -3.89 15.60
C GLY A 172 -27.43 -2.56 15.71
N GLY A 173 -27.71 -1.82 16.78
CA GLY A 173 -27.08 -0.52 16.97
C GLY A 173 -26.03 -0.46 18.06
N HIS A 174 -25.97 0.67 18.77
CA HIS A 174 -24.99 0.86 19.84
C HIS A 174 -25.66 0.80 21.21
N GLY A 175 -24.85 0.65 22.25
CA GLY A 175 -25.38 0.56 23.60
C GLY A 175 -26.22 -0.69 23.78
N ASP A 176 -27.34 -0.56 24.48
CA ASP A 176 -28.22 -1.69 24.71
C ASP A 176 -28.81 -2.23 23.41
N ALA A 177 -28.73 -1.43 22.36
CA ALA A 177 -29.26 -1.83 21.06
C ALA A 177 -28.28 -2.72 20.29
N MET A 178 -27.06 -2.81 20.78
CA MET A 178 -26.05 -3.63 20.12
C MET A 178 -26.31 -5.11 20.34
N VAL A 179 -26.27 -5.87 19.25
CA VAL A 179 -26.50 -7.30 19.32
C VAL A 179 -25.29 -8.09 18.82
N PRO A 180 -24.30 -8.30 19.71
CA PRO A 180 -23.11 -9.06 19.31
C PRO A 180 -23.48 -10.53 19.24
N VAL A 181 -23.16 -11.17 18.13
CA VAL A 181 -23.47 -12.58 17.95
C VAL A 181 -22.21 -13.39 18.20
N VAL A 182 -22.03 -13.81 19.44
CA VAL A 182 -20.84 -14.57 19.84
C VAL A 182 -20.66 -15.81 19.00
N LYS A 183 -21.77 -16.38 18.55
CA LYS A 183 -21.75 -17.60 17.75
C LYS A 183 -20.91 -17.49 16.47
N TYR A 184 -20.97 -16.33 15.82
CA TYR A 184 -20.22 -16.11 14.58
C TYR A 184 -18.99 -15.22 14.80
N THR A 185 -18.51 -15.19 16.04
CA THR A 185 -17.34 -14.42 16.38
C THR A 185 -16.24 -15.47 16.50
N THR A 186 -15.32 -15.44 15.54
CA THR A 186 -14.24 -16.42 15.47
C THR A 186 -12.80 -15.90 15.46
N VAL A 187 -11.88 -16.84 15.63
CA VAL A 187 -10.43 -16.59 15.60
C VAL A 187 -9.92 -17.70 14.69
N ALA A 188 -9.56 -17.33 13.46
CA ALA A 188 -9.09 -18.30 12.47
C ALA A 188 -10.18 -19.33 12.21
N GLY A 189 -11.43 -18.86 12.19
CA GLY A 189 -12.54 -19.74 11.95
C GLY A 189 -13.10 -20.46 13.17
N ILE A 190 -12.38 -20.43 14.29
CA ILE A 190 -12.82 -21.09 15.52
C ILE A 190 -13.67 -20.16 16.38
N PRO A 191 -14.88 -20.60 16.78
CA PRO A 191 -15.75 -19.77 17.61
C PRO A 191 -15.07 -19.42 18.93
N ILE A 192 -15.20 -18.18 19.38
CA ILE A 192 -14.56 -17.78 20.63
C ILE A 192 -15.05 -18.56 21.85
N SER A 193 -16.24 -19.14 21.78
CA SER A 193 -16.74 -19.92 22.92
C SER A 193 -15.98 -21.24 23.02
N ASP A 194 -15.23 -21.58 21.97
CA ASP A 194 -14.42 -22.79 21.96
C ASP A 194 -13.08 -22.46 22.63
N LEU A 195 -12.76 -21.18 22.69
CA LEU A 195 -11.48 -20.72 23.23
C LEU A 195 -11.51 -19.96 24.55
N LEU A 196 -12.58 -19.18 24.79
CA LEU A 196 -12.66 -18.40 26.01
C LEU A 196 -13.90 -18.68 26.88
N PRO A 197 -13.76 -18.54 28.20
CA PRO A 197 -14.84 -18.77 29.18
C PRO A 197 -15.96 -17.77 28.95
N ALA A 198 -17.19 -18.22 29.20
CA ALA A 198 -18.35 -17.36 29.01
C ALA A 198 -18.14 -16.05 29.78
N GLU A 199 -17.59 -16.15 30.99
CA GLU A 199 -17.35 -14.97 31.81
C GLU A 199 -16.45 -13.95 31.11
N THR A 200 -15.37 -14.43 30.49
CA THR A 200 -14.46 -13.52 29.81
C THR A 200 -15.16 -12.88 28.62
N ILE A 201 -15.90 -13.69 27.86
CA ILE A 201 -16.61 -13.20 26.69
C ILE A 201 -17.61 -12.10 27.07
N ASP A 202 -18.34 -12.28 28.17
CA ASP A 202 -19.29 -11.26 28.62
C ASP A 202 -18.59 -9.93 28.80
N LYS A 203 -17.41 -9.96 29.41
CA LYS A 203 -16.65 -8.73 29.63
C LYS A 203 -16.25 -8.08 28.30
N LEU A 204 -15.85 -8.90 27.33
CA LEU A 204 -15.44 -8.36 26.03
C LEU A 204 -16.63 -7.73 25.34
N VAL A 205 -17.79 -8.37 25.50
CA VAL A 205 -19.02 -7.88 24.87
C VAL A 205 -19.45 -6.54 25.46
N GLU A 206 -19.32 -6.40 26.78
CA GLU A 206 -19.71 -5.17 27.44
C GLU A 206 -18.73 -4.04 27.15
N ARG A 207 -17.46 -4.38 27.02
CA ARG A 207 -16.48 -3.33 26.72
C ARG A 207 -16.79 -2.82 25.32
N THR A 208 -17.23 -3.72 24.44
CA THR A 208 -17.59 -3.35 23.07
C THR A 208 -18.82 -2.47 23.09
N ARG A 209 -19.77 -2.81 23.96
CA ARG A 209 -21.02 -2.06 24.07
C ARG A 209 -20.73 -0.59 24.44
N ASN A 210 -19.85 -0.38 25.40
CA ASN A 210 -19.52 0.99 25.80
C ASN A 210 -18.10 1.40 25.33
N GLY A 211 -17.69 0.89 24.17
CA GLY A 211 -16.37 1.20 23.62
C GLY A 211 -16.15 2.69 23.36
N GLY A 212 -17.19 3.36 22.86
CA GLY A 212 -17.08 4.78 22.61
C GLY A 212 -16.90 5.56 23.91
N ALA A 213 -17.70 5.21 24.91
CA ALA A 213 -17.63 5.87 26.21
C ALA A 213 -16.25 5.72 26.83
N GLU A 214 -15.57 4.63 26.50
CA GLU A 214 -14.22 4.40 27.03
C GLU A 214 -13.26 5.43 26.45
N ILE A 215 -13.39 5.71 25.15
CA ILE A 215 -12.51 6.69 24.51
C ILE A 215 -12.84 8.05 25.14
N VAL A 216 -14.12 8.40 25.15
CA VAL A 216 -14.60 9.67 25.71
C VAL A 216 -14.06 9.91 27.12
N GLU A 217 -14.09 8.88 27.95
CA GLU A 217 -13.62 8.98 29.32
C GLU A 217 -12.14 9.35 29.38
N HIS A 218 -11.40 9.03 28.33
CA HIS A 218 -9.98 9.35 28.30
C HIS A 218 -9.72 10.74 27.71
N LEU A 219 -10.35 11.03 26.57
CA LEU A 219 -10.17 12.29 25.88
C LEU A 219 -10.75 13.49 26.64
N LYS A 220 -11.68 13.23 27.55
CA LYS A 220 -12.32 14.27 28.35
C LYS A 220 -13.28 15.12 27.53
N GLN A 221 -12.97 15.32 26.25
CA GLN A 221 -13.83 16.11 25.39
C GLN A 221 -13.84 15.57 23.96
N GLY A 222 -15.02 15.53 23.36
CA GLY A 222 -15.16 15.03 22.00
C GLY A 222 -15.46 13.54 21.98
N SER A 223 -14.78 12.80 21.12
CA SER A 223 -14.97 11.36 21.03
C SER A 223 -14.13 10.69 19.95
N ALA A 224 -14.15 9.37 19.93
CA ALA A 224 -13.36 8.58 18.98
C ALA A 224 -13.50 9.00 17.53
N PHE A 225 -12.43 8.86 16.75
CA PHE A 225 -12.51 9.21 15.34
C PHE A 225 -11.59 8.44 14.40
N TYR A 226 -10.53 7.83 14.92
CA TYR A 226 -9.66 7.05 14.05
C TYR A 226 -10.33 5.74 13.63
N ALA A 227 -10.83 4.99 14.61
CA ALA A 227 -11.53 3.74 14.30
C ALA A 227 -12.80 4.05 13.50
N PRO A 228 -13.58 5.07 13.91
CA PRO A 228 -14.79 5.35 13.13
C PRO A 228 -14.46 5.69 11.68
N ALA A 229 -13.45 6.53 11.47
CA ALA A 229 -13.07 6.91 10.12
C ALA A 229 -12.60 5.69 9.33
N SER A 230 -11.71 4.91 9.92
CA SER A 230 -11.21 3.72 9.24
C SER A 230 -12.37 2.82 8.85
N SER A 231 -13.35 2.70 9.74
CA SER A 231 -14.52 1.85 9.48
C SER A 231 -15.32 2.40 8.30
N VAL A 232 -15.51 3.71 8.28
CA VAL A 232 -16.26 4.32 7.18
C VAL A 232 -15.57 4.03 5.86
N VAL A 233 -14.24 4.14 5.84
CA VAL A 233 -13.46 3.92 4.62
C VAL A 233 -13.53 2.50 4.07
N GLU A 234 -13.60 1.51 4.96
CA GLU A 234 -13.67 0.13 4.54
C GLU A 234 -14.93 -0.09 3.70
N MET A 235 -16.03 0.53 4.13
CA MET A 235 -17.30 0.44 3.43
C MET A 235 -17.20 1.20 2.11
N VAL A 236 -16.67 2.41 2.16
CA VAL A 236 -16.51 3.22 0.97
C VAL A 236 -15.66 2.47 -0.05
N GLU A 237 -14.61 1.80 0.43
CA GLU A 237 -13.72 1.05 -0.44
C GLU A 237 -14.40 -0.10 -1.18
N SER A 238 -15.29 -0.81 -0.49
CA SER A 238 -15.99 -1.92 -1.12
C SER A 238 -16.88 -1.43 -2.23
N ILE A 239 -17.43 -0.23 -2.04
CA ILE A 239 -18.32 0.37 -3.04
C ILE A 239 -17.53 0.91 -4.23
N VAL A 240 -16.45 1.64 -3.97
CA VAL A 240 -15.64 2.20 -5.04
C VAL A 240 -14.99 1.09 -5.88
N LEU A 241 -14.35 0.13 -5.23
CA LEU A 241 -13.69 -0.96 -5.93
C LEU A 241 -14.59 -2.17 -6.19
N ASP A 242 -15.88 -2.01 -5.90
CA ASP A 242 -16.87 -3.07 -6.11
C ASP A 242 -16.39 -4.42 -5.59
N ARG A 243 -15.82 -4.43 -4.38
CA ARG A 243 -15.28 -5.65 -3.80
C ARG A 243 -16.29 -6.67 -3.30
N LYS A 244 -17.51 -6.23 -3.04
CA LYS A 244 -18.55 -7.12 -2.51
C LYS A 244 -18.16 -7.56 -1.10
N ARG A 245 -17.69 -6.62 -0.29
CA ARG A 245 -17.34 -6.98 1.09
C ARG A 245 -18.65 -7.30 1.80
N VAL A 246 -18.58 -8.13 2.84
CA VAL A 246 -19.77 -8.45 3.64
C VAL A 246 -19.53 -7.79 4.99
N LEU A 247 -20.14 -6.63 5.17
CA LEU A 247 -19.98 -5.85 6.39
C LEU A 247 -21.30 -5.53 7.07
N PRO A 248 -21.31 -5.45 8.41
CA PRO A 248 -22.52 -5.12 9.18
C PRO A 248 -22.75 -3.62 9.09
N CYS A 249 -23.81 -3.21 8.41
CA CYS A 249 -24.13 -1.81 8.25
C CYS A 249 -25.60 -1.56 8.55
N ALA A 250 -25.95 -0.30 8.75
CA ALA A 250 -27.34 0.08 9.02
C ALA A 250 -28.07 0.21 7.69
N VAL A 251 -28.91 -0.78 7.38
CA VAL A 251 -29.68 -0.79 6.14
C VAL A 251 -31.18 -1.04 6.37
N GLY A 252 -32.02 -0.49 5.49
CA GLY A 252 -33.46 -0.68 5.63
C GLY A 252 -33.85 -2.10 5.27
N LEU A 253 -34.42 -2.82 6.23
CA LEU A 253 -34.84 -4.20 5.99
C LEU A 253 -36.21 -4.24 5.33
N GLU A 254 -36.58 -5.42 4.83
CA GLU A 254 -37.88 -5.61 4.19
C GLU A 254 -38.38 -7.02 4.44
N GLY A 255 -38.34 -7.45 5.70
CA GLY A 255 -38.81 -8.77 6.04
C GLY A 255 -37.84 -9.62 6.82
N GLN A 256 -36.55 -9.56 6.47
CA GLN A 256 -35.55 -10.36 7.19
C GLN A 256 -35.56 -10.10 8.70
N TYR A 257 -35.34 -11.17 9.46
CA TYR A 257 -35.32 -11.12 10.92
C TYR A 257 -36.68 -10.73 11.46
N GLY A 258 -37.74 -10.98 10.69
CA GLY A 258 -39.07 -10.64 11.13
C GLY A 258 -39.18 -9.15 11.39
N ILE A 259 -38.40 -8.38 10.62
CA ILE A 259 -38.42 -6.93 10.75
C ILE A 259 -38.67 -6.31 9.39
N ASP A 260 -39.46 -5.25 9.36
CA ASP A 260 -39.77 -4.61 8.09
C ASP A 260 -39.62 -3.09 8.07
N LYS A 261 -38.98 -2.61 7.01
CA LYS A 261 -38.75 -1.19 6.76
C LYS A 261 -37.70 -0.49 7.62
N THR A 262 -37.70 -0.77 8.92
CA THR A 262 -36.76 -0.12 9.83
C THR A 262 -35.29 -0.40 9.54
N PHE A 263 -34.46 0.62 9.78
CA PHE A 263 -33.02 0.52 9.57
C PHE A 263 -32.35 -0.19 10.74
N VAL A 264 -31.81 -1.37 10.44
CA VAL A 264 -31.14 -2.18 11.46
C VAL A 264 -29.76 -2.61 10.99
N GLY A 265 -28.83 -2.77 11.94
CA GLY A 265 -27.50 -3.21 11.59
C GLY A 265 -27.50 -4.70 11.28
N VAL A 266 -27.17 -5.04 10.03
CA VAL A 266 -27.11 -6.43 9.61
C VAL A 266 -26.02 -6.64 8.56
N PRO A 267 -25.50 -7.88 8.45
CA PRO A 267 -24.45 -8.20 7.47
C PRO A 267 -25.00 -7.99 6.06
N VAL A 268 -24.30 -7.21 5.25
CA VAL A 268 -24.75 -6.98 3.88
C VAL A 268 -23.57 -6.95 2.91
N LYS A 269 -23.84 -7.36 1.67
CA LYS A 269 -22.81 -7.34 0.64
C LYS A 269 -22.83 -5.96 -0.01
N LEU A 270 -21.71 -5.25 0.11
CA LEU A 270 -21.58 -3.91 -0.44
C LEU A 270 -20.83 -3.91 -1.77
N GLY A 271 -21.43 -3.29 -2.78
CA GLY A 271 -20.81 -3.21 -4.11
C GLY A 271 -21.00 -1.82 -4.71
N ARG A 272 -20.76 -1.68 -6.01
CA ARG A 272 -20.88 -0.38 -6.65
C ARG A 272 -22.30 0.15 -6.64
N ASN A 273 -23.26 -0.72 -6.36
CA ASN A 273 -24.67 -0.33 -6.32
C ASN A 273 -25.22 -0.22 -4.88
N GLY A 274 -24.31 -0.12 -3.92
CA GLY A 274 -24.75 -0.02 -2.53
C GLY A 274 -25.04 -1.39 -1.91
N VAL A 275 -26.16 -1.49 -1.21
CA VAL A 275 -26.53 -2.76 -0.59
C VAL A 275 -26.95 -3.74 -1.69
N GLU A 276 -26.06 -4.65 -2.06
CA GLU A 276 -26.38 -5.61 -3.11
C GLU A 276 -26.98 -6.91 -2.58
N GLN A 277 -26.96 -7.08 -1.27
CA GLN A 277 -27.52 -8.29 -0.67
C GLN A 277 -27.54 -8.22 0.85
N ILE A 278 -28.67 -8.57 1.44
CA ILE A 278 -28.80 -8.56 2.89
C ILE A 278 -28.81 -10.00 3.40
N TYR A 279 -27.91 -10.29 4.32
CA TYR A 279 -27.82 -11.63 4.87
C TYR A 279 -28.67 -11.77 6.11
N GLU A 280 -29.42 -12.86 6.17
CA GLU A 280 -30.26 -13.15 7.32
C GLU A 280 -29.65 -14.36 7.99
N ILE A 281 -28.84 -14.11 9.02
CA ILE A 281 -28.17 -15.21 9.70
C ILE A 281 -29.05 -15.89 10.75
N ASN A 282 -28.65 -17.10 11.13
CA ASN A 282 -29.38 -17.91 12.09
C ASN A 282 -29.10 -17.52 13.54
N LEU A 283 -29.62 -16.37 13.95
CA LEU A 283 -29.43 -15.88 15.31
C LEU A 283 -30.14 -16.78 16.32
N ASP A 284 -29.67 -16.78 17.56
CA ASP A 284 -30.34 -17.58 18.58
C ASP A 284 -31.57 -16.78 19.02
N GLN A 285 -32.48 -17.43 19.74
CA GLN A 285 -33.72 -16.79 20.19
C GLN A 285 -33.57 -15.44 20.88
N ALA A 286 -32.68 -15.38 21.87
CA ALA A 286 -32.45 -14.13 22.60
C ALA A 286 -32.01 -13.00 21.67
N ASP A 287 -30.96 -13.25 20.89
CA ASP A 287 -30.45 -12.24 19.96
C ASP A 287 -31.52 -11.75 18.99
N LEU A 288 -32.24 -12.68 18.38
CA LEU A 288 -33.28 -12.30 17.45
C LEU A 288 -34.33 -11.47 18.17
N ASP A 289 -34.55 -11.78 19.45
CA ASP A 289 -35.53 -11.04 20.24
C ASP A 289 -35.08 -9.62 20.50
N LEU A 290 -33.82 -9.46 20.89
CA LEU A 290 -33.26 -8.15 21.15
C LEU A 290 -33.31 -7.31 19.88
N LEU A 291 -32.96 -7.94 18.76
CA LEU A 291 -32.94 -7.25 17.46
C LEU A 291 -34.31 -6.70 17.09
N GLN A 292 -35.35 -7.52 17.24
CA GLN A 292 -36.69 -7.09 16.89
C GLN A 292 -37.16 -6.00 17.86
N LYS A 293 -36.81 -6.16 19.13
CA LYS A 293 -37.19 -5.22 20.17
C LYS A 293 -36.60 -3.83 19.92
N SER A 294 -35.32 -3.78 19.60
CA SER A 294 -34.62 -2.52 19.34
C SER A 294 -35.14 -1.84 18.08
N ALA A 295 -35.40 -2.63 17.05
CA ALA A 295 -35.91 -2.09 15.79
C ALA A 295 -37.27 -1.44 16.04
N LYS A 296 -38.03 -2.03 16.96
CA LYS A 296 -39.36 -1.51 17.30
C LYS A 296 -39.19 -0.14 17.95
N ILE A 297 -38.22 -0.03 18.85
CA ILE A 297 -37.96 1.23 19.52
C ILE A 297 -37.60 2.30 18.49
N VAL A 298 -36.79 1.94 17.51
CA VAL A 298 -36.40 2.88 16.47
C VAL A 298 -37.66 3.33 15.74
N ASP A 299 -38.50 2.37 15.35
CA ASP A 299 -39.74 2.68 14.65
C ASP A 299 -40.52 3.75 15.38
N GLU A 300 -40.54 3.66 16.70
CA GLU A 300 -41.25 4.66 17.50
C GLU A 300 -40.65 6.03 17.30
N ASN A 301 -39.38 6.18 17.68
CA ASN A 301 -38.67 7.44 17.56
C ASN A 301 -38.79 8.06 16.17
N CYS A 302 -38.89 7.22 15.14
CA CYS A 302 -39.02 7.72 13.78
C CYS A 302 -40.39 8.35 13.56
N LYS A 303 -41.35 7.99 14.41
CA LYS A 303 -42.68 8.57 14.32
C LYS A 303 -42.64 9.96 14.96
N MET A 304 -41.83 10.08 16.02
CA MET A 304 -41.64 11.33 16.73
C MET A 304 -41.06 12.38 15.78
N LEU A 305 -40.83 11.96 14.55
CA LEU A 305 -40.27 12.84 13.52
C LEU A 305 -41.22 12.97 12.34
N GLU A 306 -41.60 11.93 11.76
N MET B 1 17.30 -6.47 8.84
CA MET B 1 16.61 -7.73 8.42
C MET B 1 17.21 -8.20 7.10
N LYS B 2 17.70 -9.43 7.07
CA LYS B 2 18.29 -10.00 5.86
C LYS B 2 17.61 -11.31 5.54
N ILE B 3 17.02 -11.38 4.35
CA ILE B 3 16.32 -12.56 3.89
C ILE B 3 17.01 -13.15 2.67
N THR B 4 17.20 -14.47 2.68
CA THR B 4 17.80 -15.17 1.55
C THR B 4 16.74 -16.12 0.98
N VAL B 5 16.59 -16.11 -0.34
CA VAL B 5 15.67 -17.00 -1.03
C VAL B 5 16.50 -17.98 -1.86
N ILE B 6 16.38 -19.27 -1.57
CA ILE B 6 17.12 -20.30 -2.31
C ILE B 6 16.23 -20.84 -3.41
N GLY B 7 16.70 -20.70 -4.65
CA GLY B 7 15.93 -21.15 -5.79
C GLY B 7 15.39 -19.93 -6.49
N ALA B 8 15.96 -19.60 -7.63
CA ALA B 8 15.53 -18.42 -8.38
C ALA B 8 14.56 -18.76 -9.50
N GLY B 9 13.77 -19.81 -9.26
CA GLY B 9 12.78 -20.25 -10.23
C GLY B 9 11.52 -19.42 -10.19
N ASN B 10 10.40 -20.01 -10.60
CA ASN B 10 9.14 -19.28 -10.62
C ASN B 10 8.64 -18.84 -9.24
N VAL B 11 8.73 -19.71 -8.24
CA VAL B 11 8.27 -19.36 -6.89
C VAL B 11 9.29 -18.47 -6.18
N GLY B 12 10.54 -18.89 -6.19
CA GLY B 12 11.58 -18.12 -5.53
C GLY B 12 11.73 -16.70 -6.02
N ALA B 13 11.73 -16.52 -7.33
CA ALA B 13 11.87 -15.17 -7.89
C ALA B 13 10.61 -14.34 -7.63
N THR B 14 9.44 -14.93 -7.82
CA THR B 14 8.20 -14.19 -7.58
C THR B 14 8.16 -13.76 -6.11
N THR B 15 8.63 -14.63 -5.22
CA THR B 15 8.64 -14.34 -3.80
C THR B 15 9.61 -13.20 -3.50
N ALA B 16 10.82 -13.32 -4.04
CA ALA B 16 11.83 -12.30 -3.84
C ALA B 16 11.33 -10.93 -4.28
N PHE B 17 10.73 -10.87 -5.46
CA PHE B 17 10.22 -9.62 -5.97
C PHE B 17 9.15 -8.99 -5.06
N ARG B 18 8.24 -9.83 -4.54
CA ARG B 18 7.19 -9.35 -3.66
C ARG B 18 7.81 -8.82 -2.38
N LEU B 19 8.79 -9.56 -1.86
CA LEU B 19 9.52 -9.17 -0.66
C LEU B 19 10.21 -7.83 -0.85
N ALA B 20 10.88 -7.68 -1.99
CA ALA B 20 11.60 -6.46 -2.31
C ALA B 20 10.67 -5.23 -2.27
N GLU B 21 9.53 -5.31 -2.94
CA GLU B 21 8.58 -4.20 -2.98
C GLU B 21 7.96 -3.86 -1.62
N LYS B 22 7.61 -4.88 -0.85
CA LYS B 22 7.00 -4.66 0.46
C LYS B 22 7.99 -4.14 1.47
N GLN B 23 9.26 -4.08 1.06
CA GLN B 23 10.31 -3.58 1.92
C GLN B 23 10.32 -4.25 3.30
N LEU B 24 10.22 -5.58 3.30
CA LEU B 24 10.24 -6.33 4.54
C LEU B 24 11.67 -6.67 4.97
N ALA B 25 12.65 -6.37 4.11
CA ALA B 25 14.06 -6.62 4.42
C ALA B 25 14.94 -5.55 3.80
N ARG B 26 16.05 -5.22 4.45
CA ARG B 26 16.96 -4.23 3.88
C ARG B 26 17.78 -4.93 2.82
N GLU B 27 18.10 -6.20 3.08
CA GLU B 27 18.88 -7.03 2.16
C GLU B 27 18.10 -8.28 1.77
N LEU B 28 18.10 -8.58 0.48
CA LEU B 28 17.40 -9.74 -0.05
C LEU B 28 18.35 -10.43 -1.03
N VAL B 29 18.73 -11.66 -0.72
CA VAL B 29 19.65 -12.42 -1.57
C VAL B 29 18.97 -13.58 -2.26
N LEU B 30 19.05 -13.60 -3.59
CA LEU B 30 18.47 -14.64 -4.42
C LEU B 30 19.64 -15.55 -4.82
N LEU B 31 19.58 -16.82 -4.44
CA LEU B 31 20.65 -17.75 -4.79
C LEU B 31 20.12 -18.94 -5.55
N ASP B 32 20.89 -19.38 -6.54
CA ASP B 32 20.50 -20.55 -7.32
C ASP B 32 21.74 -21.35 -7.68
N VAL B 33 21.54 -22.60 -8.08
CA VAL B 33 22.68 -23.42 -8.45
C VAL B 33 23.09 -23.09 -9.89
N VAL B 34 22.18 -22.54 -10.68
CA VAL B 34 22.46 -22.17 -12.06
C VAL B 34 23.08 -20.77 -12.14
N GLU B 35 24.21 -20.68 -12.86
CA GLU B 35 24.91 -19.41 -13.01
C GLU B 35 24.10 -18.41 -13.81
N GLY B 36 24.20 -17.13 -13.43
CA GLY B 36 23.49 -16.09 -14.15
C GLY B 36 22.01 -15.86 -13.86
N ILE B 37 21.23 -16.92 -13.72
CA ILE B 37 19.80 -16.77 -13.46
C ILE B 37 19.49 -15.81 -12.31
N PRO B 38 20.00 -16.08 -11.10
CA PRO B 38 19.71 -15.17 -9.98
C PRO B 38 20.25 -13.75 -10.15
N GLN B 39 21.48 -13.65 -10.67
CA GLN B 39 22.07 -12.34 -10.89
C GLN B 39 21.16 -11.53 -11.80
N GLY B 40 20.70 -12.14 -12.87
CA GLY B 40 19.83 -11.45 -13.82
C GLY B 40 18.48 -11.05 -13.25
N LYS B 41 17.79 -12.00 -12.62
CA LYS B 41 16.48 -11.70 -12.04
C LYS B 41 16.58 -10.67 -10.91
N ALA B 42 17.60 -10.79 -10.07
CA ALA B 42 17.75 -9.85 -8.97
C ALA B 42 18.01 -8.45 -9.51
N LEU B 43 18.80 -8.36 -10.57
CA LEU B 43 19.11 -7.06 -11.15
C LEU B 43 17.84 -6.45 -11.73
N ASP B 44 17.06 -7.28 -12.42
CA ASP B 44 15.82 -6.82 -13.04
C ASP B 44 14.90 -6.29 -11.93
N MET B 45 14.84 -7.01 -10.81
CA MET B 45 14.02 -6.59 -9.67
C MET B 45 14.49 -5.26 -9.13
N TYR B 46 15.79 -5.16 -8.84
CA TYR B 46 16.34 -3.93 -8.30
C TYR B 46 16.06 -2.74 -9.21
N GLU B 47 16.13 -2.95 -10.53
CA GLU B 47 15.90 -1.86 -11.46
C GLU B 47 14.43 -1.43 -11.47
N SER B 48 13.56 -2.19 -10.82
CA SER B 48 12.14 -1.83 -10.74
C SER B 48 11.94 -0.85 -9.59
N GLY B 49 12.91 -0.83 -8.68
CA GLY B 49 12.85 0.04 -7.52
C GLY B 49 12.47 1.49 -7.74
N PRO B 50 13.02 2.15 -8.79
CA PRO B 50 12.67 3.56 -9.03
C PRO B 50 11.18 3.71 -9.27
N VAL B 51 10.57 2.65 -9.78
CA VAL B 51 9.14 2.70 -10.07
C VAL B 51 8.28 2.12 -8.94
N GLY B 52 8.72 1.04 -8.33
CA GLY B 52 7.98 0.44 -7.24
C GLY B 52 8.19 1.22 -5.95
N LEU B 53 9.11 2.17 -6.00
CA LEU B 53 9.43 3.02 -4.86
C LEU B 53 10.01 2.29 -3.65
N PHE B 54 10.94 1.38 -3.92
CA PHE B 54 11.61 0.64 -2.85
C PHE B 54 13.11 0.70 -3.10
N ASP B 55 13.90 0.63 -2.02
CA ASP B 55 15.34 0.66 -2.14
C ASP B 55 15.98 -0.62 -1.60
N THR B 56 15.17 -1.65 -1.48
CA THR B 56 15.65 -2.93 -0.99
C THR B 56 16.85 -3.38 -1.82
N LYS B 57 17.92 -3.75 -1.15
CA LYS B 57 19.12 -4.20 -1.85
C LYS B 57 18.97 -5.68 -2.21
N VAL B 58 18.44 -5.95 -3.40
CA VAL B 58 18.26 -7.32 -3.85
C VAL B 58 19.40 -7.75 -4.77
N THR B 59 20.15 -8.76 -4.36
CA THR B 59 21.27 -9.26 -5.15
C THR B 59 21.18 -10.75 -5.46
N GLY B 60 21.67 -11.14 -6.64
CA GLY B 60 21.64 -12.53 -7.03
C GLY B 60 23.00 -13.17 -6.77
N SER B 61 23.03 -14.49 -6.60
CA SER B 61 24.31 -15.12 -6.32
C SER B 61 24.28 -16.63 -6.45
N ASN B 62 25.48 -17.20 -6.60
CA ASN B 62 25.68 -18.64 -6.69
C ASN B 62 26.63 -19.01 -5.54
N ASP B 63 26.92 -18.05 -4.67
CA ASP B 63 27.84 -18.24 -3.55
C ASP B 63 27.16 -18.10 -2.20
N TYR B 64 27.11 -19.18 -1.42
CA TYR B 64 26.48 -19.12 -0.11
C TYR B 64 27.09 -18.11 0.84
N ALA B 65 28.30 -17.63 0.52
CA ALA B 65 28.95 -16.64 1.36
C ALA B 65 28.08 -15.39 1.37
N ASP B 66 27.38 -15.16 0.26
CA ASP B 66 26.51 -13.99 0.14
C ASP B 66 25.25 -14.10 1.01
N THR B 67 24.95 -15.30 1.50
CA THR B 67 23.77 -15.52 2.33
C THR B 67 24.11 -15.45 3.82
N ALA B 68 25.37 -15.15 4.13
CA ALA B 68 25.82 -15.09 5.52
C ALA B 68 24.90 -14.28 6.45
N ASN B 69 24.75 -14.76 7.68
CA ASN B 69 23.94 -14.09 8.69
C ASN B 69 22.52 -13.69 8.27
N SER B 70 21.82 -14.61 7.60
CA SER B 70 20.46 -14.31 7.18
C SER B 70 19.51 -14.65 8.34
N ASP B 71 18.57 -13.73 8.59
CA ASP B 71 17.59 -13.90 9.66
C ASP B 71 16.53 -14.93 9.24
N ILE B 72 16.13 -14.85 7.98
CA ILE B 72 15.15 -15.74 7.41
C ILE B 72 15.70 -16.29 6.09
N VAL B 73 15.51 -17.59 5.87
CA VAL B 73 15.95 -18.27 4.65
C VAL B 73 14.77 -19.06 4.09
N ILE B 74 14.41 -18.79 2.84
CA ILE B 74 13.32 -19.48 2.18
C ILE B 74 13.84 -20.49 1.16
N ILE B 75 13.51 -21.77 1.34
CA ILE B 75 13.96 -22.83 0.44
C ILE B 75 12.92 -23.21 -0.60
N THR B 76 13.19 -22.84 -1.85
CA THR B 76 12.28 -23.14 -2.95
C THR B 76 13.01 -23.99 -3.99
N ALA B 77 14.19 -24.46 -3.64
CA ALA B 77 15.00 -25.28 -4.54
C ALA B 77 14.44 -26.68 -4.70
N GLY B 78 14.23 -27.09 -5.95
CA GLY B 78 13.72 -28.41 -6.23
C GLY B 78 13.44 -28.58 -7.72
N LEU B 79 13.50 -29.81 -8.21
CA LEU B 79 13.24 -30.05 -9.62
C LEU B 79 11.80 -30.48 -9.83
N ASP B 89 10.57 -41.05 -6.23
CA ASP B 89 11.70 -40.39 -6.88
C ASP B 89 11.74 -38.90 -6.51
N LEU B 90 10.65 -38.19 -6.80
CA LEU B 90 10.55 -36.77 -6.48
C LEU B 90 10.99 -36.58 -5.03
N LEU B 91 10.62 -37.54 -4.19
CA LEU B 91 10.98 -37.51 -2.78
C LEU B 91 12.50 -37.54 -2.63
N MET B 92 13.13 -38.54 -3.24
CA MET B 92 14.58 -38.70 -3.16
C MET B 92 15.39 -37.57 -3.78
N LYS B 93 15.02 -37.14 -4.98
CA LYS B 93 15.75 -36.06 -5.64
C LYS B 93 15.62 -34.75 -4.86
N ASN B 94 14.40 -34.31 -4.59
CA ASN B 94 14.24 -33.08 -3.84
C ASN B 94 14.76 -33.20 -2.42
N ALA B 95 14.79 -34.40 -1.88
CA ALA B 95 15.31 -34.59 -0.53
C ALA B 95 16.82 -34.33 -0.57
N GLY B 96 17.44 -34.73 -1.68
CA GLY B 96 18.87 -34.52 -1.82
C GLY B 96 19.16 -33.03 -1.93
N ILE B 97 18.33 -32.33 -2.71
CA ILE B 97 18.48 -30.89 -2.91
C ILE B 97 18.29 -30.11 -1.60
N VAL B 98 17.16 -30.35 -0.92
CA VAL B 98 16.88 -29.69 0.35
C VAL B 98 17.98 -30.04 1.34
N LYS B 99 18.53 -31.25 1.24
CA LYS B 99 19.61 -31.61 2.16
C LYS B 99 20.83 -30.75 1.85
N GLU B 100 21.23 -30.72 0.58
CA GLU B 100 22.39 -29.94 0.20
C GLU B 100 22.20 -28.45 0.51
N VAL B 101 21.04 -27.91 0.17
CA VAL B 101 20.75 -26.50 0.43
C VAL B 101 20.86 -26.14 1.91
N THR B 102 20.19 -26.92 2.76
CA THR B 102 20.19 -26.68 4.21
C THR B 102 21.59 -26.72 4.82
N ASP B 103 22.33 -27.77 4.54
CA ASP B 103 23.68 -27.89 5.07
C ASP B 103 24.48 -26.66 4.66
N ASN B 104 24.30 -26.21 3.41
CA ASN B 104 25.02 -25.02 2.95
C ASN B 104 24.55 -23.79 3.71
N ILE B 105 23.24 -23.64 3.86
CA ILE B 105 22.70 -22.50 4.59
C ILE B 105 23.34 -22.37 5.96
N MET B 106 23.36 -23.47 6.71
CA MET B 106 23.90 -23.44 8.06
C MET B 106 25.40 -23.13 8.17
N LYS B 107 26.14 -23.29 7.08
CA LYS B 107 27.57 -22.98 7.14
C LYS B 107 27.82 -21.49 7.18
N HIS B 108 26.80 -20.68 6.89
CA HIS B 108 26.96 -19.22 6.89
C HIS B 108 25.97 -18.42 7.75
N SER B 109 24.88 -19.07 8.17
CA SER B 109 23.87 -18.44 9.03
C SER B 109 23.73 -19.30 10.27
N LYS B 110 23.94 -18.71 11.44
CA LYS B 110 23.88 -19.45 12.69
C LYS B 110 22.50 -19.75 13.27
N ASN B 111 21.54 -18.86 13.06
CA ASN B 111 20.23 -19.07 13.63
C ASN B 111 19.10 -18.41 12.86
N PRO B 112 18.87 -18.83 11.62
CA PRO B 112 17.79 -18.22 10.86
C PRO B 112 16.48 -18.95 11.13
N ILE B 113 15.41 -18.42 10.54
CA ILE B 113 14.11 -19.04 10.58
C ILE B 113 14.06 -19.60 9.16
N ILE B 114 13.84 -20.89 9.01
CA ILE B 114 13.78 -21.47 7.67
C ILE B 114 12.35 -21.80 7.26
N ILE B 115 11.93 -21.26 6.11
CA ILE B 115 10.61 -21.54 5.58
C ILE B 115 10.79 -22.40 4.33
N VAL B 116 10.31 -23.64 4.39
CA VAL B 116 10.44 -24.57 3.27
C VAL B 116 9.21 -24.53 2.38
N VAL B 117 9.44 -24.57 1.06
CA VAL B 117 8.37 -24.55 0.07
C VAL B 117 8.48 -25.78 -0.84
N SER B 118 9.71 -26.22 -1.08
CA SER B 118 9.99 -27.38 -1.93
C SER B 118 9.12 -28.60 -1.62
N ASN B 119 8.50 -29.18 -2.64
CA ASN B 119 7.66 -30.38 -2.47
C ASN B 119 8.51 -31.64 -2.48
N PRO B 120 8.05 -32.73 -1.81
CA PRO B 120 6.79 -32.81 -1.05
C PRO B 120 6.99 -32.07 0.28
N LEU B 121 6.26 -30.98 0.47
CA LEU B 121 6.40 -30.11 1.64
C LEU B 121 6.64 -30.70 3.04
N ASP B 122 5.59 -31.28 3.63
CA ASP B 122 5.70 -31.85 4.96
C ASP B 122 7.03 -32.55 5.16
N ILE B 123 7.36 -33.41 4.20
CA ILE B 123 8.58 -34.20 4.25
C ILE B 123 9.86 -33.37 4.10
N MET B 124 9.87 -32.45 3.13
CA MET B 124 11.04 -31.60 2.93
C MET B 124 11.27 -30.71 4.15
N THR B 125 10.17 -30.24 4.76
CA THR B 125 10.28 -29.41 5.95
C THR B 125 11.00 -30.20 7.04
N HIS B 126 10.65 -31.48 7.16
CA HIS B 126 11.28 -32.35 8.15
C HIS B 126 12.77 -32.48 7.85
N VAL B 127 13.07 -32.73 6.58
CA VAL B 127 14.46 -32.89 6.14
C VAL B 127 15.26 -31.66 6.53
N ALA B 128 14.77 -30.50 6.12
CA ALA B 128 15.44 -29.25 6.44
C ALA B 128 15.65 -29.11 7.93
N TRP B 129 14.63 -29.48 8.71
CA TRP B 129 14.74 -29.37 10.16
C TRP B 129 15.89 -30.18 10.77
N VAL B 130 15.95 -31.47 10.44
CA VAL B 130 17.00 -32.31 10.99
C VAL B 130 18.39 -31.91 10.50
N ARG B 131 18.50 -31.44 9.26
CA ARG B 131 19.81 -31.02 8.76
C ARG B 131 20.26 -29.72 9.43
N SER B 132 19.32 -28.81 9.66
CA SER B 132 19.63 -27.53 10.28
C SER B 132 20.13 -27.61 11.72
N GLY B 133 19.67 -28.62 12.45
CA GLY B 133 20.07 -28.74 13.84
C GLY B 133 19.40 -27.65 14.67
N LEU B 134 18.43 -26.96 14.06
CA LEU B 134 17.71 -25.88 14.75
C LEU B 134 16.50 -26.35 15.53
N PRO B 135 16.02 -25.54 16.49
CA PRO B 135 14.84 -25.92 17.26
C PRO B 135 13.70 -25.94 16.25
N LYS B 136 12.78 -26.90 16.38
CA LYS B 136 11.69 -27.00 15.43
C LYS B 136 10.82 -25.76 15.30
N GLU B 137 10.84 -24.88 16.32
CA GLU B 137 10.05 -23.66 16.23
C GLU B 137 10.58 -22.73 15.15
N ARG B 138 11.80 -22.98 14.67
CA ARG B 138 12.42 -22.12 13.65
C ARG B 138 12.45 -22.70 12.24
N VAL B 139 11.76 -23.82 12.04
CA VAL B 139 11.68 -24.47 10.74
C VAL B 139 10.23 -24.81 10.45
N ILE B 140 9.68 -24.17 9.42
CA ILE B 140 8.30 -24.39 9.03
C ILE B 140 8.13 -24.48 7.51
N GLY B 141 7.02 -25.08 7.09
CA GLY B 141 6.76 -25.20 5.68
C GLY B 141 5.47 -24.52 5.29
N MET B 142 5.44 -23.97 4.08
CA MET B 142 4.26 -23.31 3.56
C MET B 142 3.45 -24.35 2.81
N ALA B 143 2.14 -24.38 3.07
CA ALA B 143 1.25 -25.32 2.40
C ALA B 143 -0.21 -24.93 2.68
N GLY B 144 -0.60 -25.00 3.94
CA GLY B 144 -1.97 -24.67 4.32
C GLY B 144 -2.46 -23.32 3.84
N VAL B 145 -1.61 -22.29 3.96
CA VAL B 145 -2.00 -20.96 3.54
C VAL B 145 -2.45 -20.95 2.07
N LEU B 146 -1.71 -21.66 1.21
CA LEU B 146 -2.04 -21.73 -0.21
C LEU B 146 -3.33 -22.51 -0.46
N ASP B 147 -3.48 -23.67 0.17
CA ASP B 147 -4.67 -24.47 -0.01
C ASP B 147 -5.89 -23.66 0.43
N ALA B 148 -5.72 -22.95 1.55
CA ALA B 148 -6.77 -22.12 2.09
C ALA B 148 -7.10 -20.98 1.15
N ALA B 149 -6.06 -20.42 0.51
CA ALA B 149 -6.28 -19.32 -0.43
C ALA B 149 -7.14 -19.83 -1.57
N ARG B 150 -6.83 -21.02 -2.07
CA ARG B 150 -7.60 -21.58 -3.16
C ARG B 150 -9.02 -21.88 -2.72
N PHE B 151 -9.16 -22.52 -1.56
CA PHE B 151 -10.47 -22.86 -1.03
C PHE B 151 -11.29 -21.58 -0.94
N ARG B 152 -10.66 -20.51 -0.47
CA ARG B 152 -11.32 -19.24 -0.34
C ARG B 152 -11.72 -18.63 -1.68
N SER B 153 -10.86 -18.74 -2.69
CA SER B 153 -11.17 -18.16 -4.00
C SER B 153 -12.36 -18.86 -4.66
N PHE B 154 -12.51 -20.15 -4.41
CA PHE B 154 -13.61 -20.90 -5.00
C PHE B 154 -14.93 -20.52 -4.30
N ILE B 155 -14.88 -20.34 -2.99
CA ILE B 155 -16.08 -19.95 -2.26
C ILE B 155 -16.54 -18.59 -2.77
N ALA B 156 -15.59 -17.67 -2.98
CA ALA B 156 -15.93 -16.33 -3.47
C ALA B 156 -16.60 -16.39 -4.84
N MET B 157 -16.20 -17.35 -5.66
CA MET B 157 -16.77 -17.52 -6.99
C MET B 157 -18.19 -18.04 -6.89
N GLU B 158 -18.42 -18.87 -5.88
CA GLU B 158 -19.71 -19.48 -5.65
C GLU B 158 -20.72 -18.50 -5.04
N LEU B 159 -20.27 -17.71 -4.07
CA LEU B 159 -21.14 -16.75 -3.40
C LEU B 159 -21.01 -15.29 -3.84
N GLY B 160 -20.00 -14.99 -4.64
CA GLY B 160 -19.84 -13.63 -5.09
C GLY B 160 -19.49 -12.64 -3.98
N VAL B 161 -18.67 -13.07 -3.03
CA VAL B 161 -18.27 -12.20 -1.94
C VAL B 161 -16.77 -12.01 -1.94
N SER B 162 -16.31 -10.93 -1.31
CA SER B 162 -14.89 -10.64 -1.23
C SER B 162 -14.17 -11.80 -0.57
N MET B 163 -12.96 -12.10 -1.05
CA MET B 163 -12.20 -13.19 -0.47
C MET B 163 -11.64 -12.80 0.90
N GLN B 164 -11.61 -11.50 1.19
CA GLN B 164 -11.11 -11.02 2.47
C GLN B 164 -12.03 -11.41 3.62
N ASP B 165 -13.30 -11.71 3.31
CA ASP B 165 -14.27 -12.08 4.33
C ASP B 165 -14.60 -13.57 4.35
N ILE B 166 -13.66 -14.38 3.90
CA ILE B 166 -13.86 -15.82 3.89
C ILE B 166 -12.69 -16.46 4.62
N ASN B 167 -13.00 -17.31 5.59
CA ASN B 167 -11.95 -18.01 6.32
C ASN B 167 -12.03 -19.50 6.04
N ALA B 168 -11.00 -20.05 5.40
CA ALA B 168 -10.98 -21.47 5.09
C ALA B 168 -9.98 -22.17 6.00
N CYS B 169 -10.46 -23.19 6.72
CA CYS B 169 -9.60 -23.95 7.62
C CYS B 169 -9.09 -25.17 6.88
N VAL B 170 -7.77 -25.31 6.79
CA VAL B 170 -7.18 -26.44 6.08
C VAL B 170 -5.98 -27.00 6.83
N LEU B 171 -6.07 -28.27 7.24
CA LEU B 171 -4.97 -28.91 7.95
C LEU B 171 -4.38 -30.03 7.09
N GLY B 172 -3.33 -30.67 7.58
CA GLY B 172 -2.70 -31.76 6.84
C GLY B 172 -1.79 -31.35 5.69
N GLY B 173 -1.52 -32.30 4.79
CA GLY B 173 -0.66 -32.03 3.66
C GLY B 173 -1.41 -31.70 2.37
N HIS B 174 -0.79 -32.01 1.23
CA HIS B 174 -1.39 -31.76 -0.07
C HIS B 174 -2.07 -33.02 -0.64
N GLY B 175 -3.06 -32.81 -1.49
CA GLY B 175 -3.76 -33.92 -2.10
C GLY B 175 -4.74 -34.63 -1.18
N ASP B 176 -4.64 -35.95 -1.15
CA ASP B 176 -5.53 -36.72 -0.31
C ASP B 176 -5.11 -36.61 1.16
N ALA B 177 -4.00 -35.94 1.40
CA ALA B 177 -3.50 -35.77 2.77
C ALA B 177 -4.07 -34.48 3.33
N MET B 178 -4.70 -33.70 2.47
CA MET B 178 -5.27 -32.42 2.87
C MET B 178 -6.56 -32.61 3.67
N VAL B 179 -6.66 -31.91 4.80
CA VAL B 179 -7.84 -32.02 5.63
C VAL B 179 -8.55 -30.68 5.81
N PRO B 180 -9.44 -30.33 4.86
CA PRO B 180 -10.18 -29.06 4.96
C PRO B 180 -11.28 -29.23 5.98
N VAL B 181 -11.25 -28.41 7.03
CA VAL B 181 -12.26 -28.48 8.08
C VAL B 181 -13.44 -27.56 7.76
N VAL B 182 -14.54 -28.17 7.36
CA VAL B 182 -15.74 -27.43 6.95
C VAL B 182 -16.40 -26.55 8.01
N LYS B 183 -16.48 -27.02 9.25
CA LYS B 183 -17.14 -26.23 10.30
C LYS B 183 -16.37 -24.98 10.72
N TYR B 184 -15.13 -24.87 10.27
CA TYR B 184 -14.30 -23.72 10.62
C TYR B 184 -14.00 -22.89 9.38
N THR B 185 -14.80 -23.12 8.35
CA THR B 185 -14.69 -22.41 7.09
C THR B 185 -15.93 -21.54 7.05
N THR B 186 -15.73 -20.23 6.94
CA THR B 186 -16.85 -19.30 6.99
C THR B 186 -16.80 -18.09 6.08
N VAL B 187 -17.93 -17.40 6.01
CA VAL B 187 -18.07 -16.17 5.27
C VAL B 187 -18.60 -15.19 6.30
N ALA B 188 -17.75 -14.22 6.69
CA ALA B 188 -18.14 -13.23 7.68
C ALA B 188 -18.53 -13.89 9.00
N GLY B 189 -17.85 -14.99 9.33
CA GLY B 189 -18.13 -15.71 10.57
C GLY B 189 -19.24 -16.74 10.44
N ILE B 190 -19.92 -16.74 9.30
CA ILE B 190 -21.01 -17.67 9.05
C ILE B 190 -20.50 -18.95 8.40
N PRO B 191 -20.78 -20.12 9.02
CA PRO B 191 -20.35 -21.41 8.49
C PRO B 191 -20.84 -21.57 7.06
N ILE B 192 -19.98 -22.06 6.17
CA ILE B 192 -20.39 -22.24 4.78
C ILE B 192 -21.53 -23.24 4.66
N SER B 193 -21.60 -24.20 5.58
CA SER B 193 -22.66 -25.20 5.57
C SER B 193 -24.02 -24.52 5.68
N ASP B 194 -24.01 -23.29 6.20
CA ASP B 194 -25.21 -22.49 6.37
C ASP B 194 -25.56 -21.81 5.06
N LEU B 195 -24.54 -21.62 4.22
CA LEU B 195 -24.73 -20.93 2.96
C LEU B 195 -24.72 -21.75 1.68
N LEU B 196 -24.15 -22.95 1.72
CA LEU B 196 -24.08 -23.79 0.53
C LEU B 196 -24.52 -25.23 0.73
N PRO B 197 -25.05 -25.85 -0.35
CA PRO B 197 -25.51 -27.24 -0.32
C PRO B 197 -24.35 -28.19 -0.07
N ALA B 198 -24.64 -29.32 0.55
CA ALA B 198 -23.61 -30.31 0.85
C ALA B 198 -22.82 -30.67 -0.39
N GLU B 199 -23.50 -30.83 -1.52
CA GLU B 199 -22.87 -31.20 -2.77
C GLU B 199 -21.88 -30.15 -3.26
N THR B 200 -22.32 -28.90 -3.28
CA THR B 200 -21.47 -27.79 -3.72
C THR B 200 -20.23 -27.68 -2.86
N ILE B 201 -20.41 -27.88 -1.55
CA ILE B 201 -19.30 -27.81 -0.62
C ILE B 201 -18.29 -28.92 -0.91
N ASP B 202 -18.79 -30.09 -1.25
CA ASP B 202 -17.91 -31.22 -1.55
C ASP B 202 -17.07 -30.98 -2.80
N LYS B 203 -17.67 -30.38 -3.82
CA LYS B 203 -16.93 -30.12 -5.05
C LYS B 203 -15.83 -29.08 -4.79
N LEU B 204 -16.15 -28.03 -4.02
CA LEU B 204 -15.20 -26.98 -3.69
C LEU B 204 -14.03 -27.58 -2.91
N VAL B 205 -14.35 -28.50 -2.00
CA VAL B 205 -13.34 -29.15 -1.20
C VAL B 205 -12.43 -29.98 -2.11
N GLU B 206 -13.04 -30.63 -3.09
CA GLU B 206 -12.28 -31.46 -4.01
C GLU B 206 -11.42 -30.63 -4.94
N ARG B 207 -11.98 -29.53 -5.44
CA ARG B 207 -11.20 -28.66 -6.32
C ARG B 207 -10.00 -28.13 -5.54
N THR B 208 -10.18 -27.93 -4.24
CA THR B 208 -9.08 -27.43 -3.42
C THR B 208 -8.01 -28.52 -3.32
N ARG B 209 -8.43 -29.77 -3.18
CA ARG B 209 -7.50 -30.89 -3.08
C ARG B 209 -6.63 -30.99 -4.33
N ASN B 210 -7.26 -30.78 -5.49
CA ASN B 210 -6.53 -30.86 -6.75
C ASN B 210 -6.14 -29.50 -7.30
N GLY B 211 -6.12 -28.49 -6.42
CA GLY B 211 -5.77 -27.16 -6.85
C GLY B 211 -4.45 -27.06 -7.60
N GLY B 212 -3.41 -27.65 -7.04
CA GLY B 212 -2.10 -27.62 -7.67
C GLY B 212 -2.07 -28.27 -9.05
N ALA B 213 -2.69 -29.43 -9.19
CA ALA B 213 -2.72 -30.14 -10.47
C ALA B 213 -3.54 -29.39 -11.49
N GLU B 214 -4.50 -28.60 -11.04
CA GLU B 214 -5.35 -27.84 -11.95
C GLU B 214 -4.51 -26.79 -12.68
N ILE B 215 -3.57 -26.18 -11.97
CA ILE B 215 -2.72 -25.16 -12.56
C ILE B 215 -1.72 -25.81 -13.51
N VAL B 216 -1.08 -26.88 -13.03
CA VAL B 216 -0.10 -27.60 -13.82
C VAL B 216 -0.69 -28.02 -15.16
N GLU B 217 -1.88 -28.60 -15.13
CA GLU B 217 -2.56 -29.05 -16.34
C GLU B 217 -2.69 -27.91 -17.35
N HIS B 218 -2.85 -26.69 -16.85
CA HIS B 218 -2.97 -25.55 -17.73
C HIS B 218 -1.61 -25.10 -18.27
N LEU B 219 -0.60 -25.15 -17.42
CA LEU B 219 0.74 -24.71 -17.79
C LEU B 219 1.57 -25.74 -18.57
N LYS B 220 1.17 -27.01 -18.51
CA LYS B 220 1.89 -28.08 -19.20
C LYS B 220 3.26 -28.30 -18.57
N GLN B 221 4.01 -27.22 -18.39
CA GLN B 221 5.34 -27.29 -17.79
C GLN B 221 5.36 -26.41 -16.56
N GLY B 222 5.93 -26.93 -15.47
CA GLY B 222 6.00 -26.17 -14.24
C GLY B 222 4.68 -26.14 -13.49
N SER B 223 4.65 -25.47 -12.34
CA SER B 223 3.44 -25.38 -11.54
C SER B 223 3.13 -23.96 -11.09
N ALA B 224 2.05 -23.79 -10.35
CA ALA B 224 1.64 -22.48 -9.85
C ALA B 224 2.75 -21.78 -9.08
N PHE B 225 2.73 -20.46 -9.06
CA PHE B 225 3.75 -19.71 -8.32
C PHE B 225 3.28 -18.37 -7.76
N TYR B 226 2.25 -17.79 -8.33
CA TYR B 226 1.74 -16.50 -7.84
C TYR B 226 1.06 -16.64 -6.46
N ALA B 227 0.16 -17.61 -6.33
CA ALA B 227 -0.51 -17.84 -5.04
C ALA B 227 0.51 -18.41 -4.06
N PRO B 228 1.35 -19.35 -4.51
CA PRO B 228 2.36 -19.91 -3.60
C PRO B 228 3.29 -18.83 -3.06
N ALA B 229 3.71 -17.91 -3.92
CA ALA B 229 4.61 -16.84 -3.49
C ALA B 229 3.93 -15.89 -2.50
N SER B 230 2.70 -15.48 -2.83
CA SER B 230 1.93 -14.58 -1.97
C SER B 230 1.78 -15.24 -0.60
N SER B 231 1.47 -16.54 -0.61
CA SER B 231 1.31 -17.28 0.64
C SER B 231 2.57 -17.27 1.51
N VAL B 232 3.73 -17.46 0.88
CA VAL B 232 4.99 -17.46 1.60
C VAL B 232 5.24 -16.11 2.25
N VAL B 233 4.97 -15.05 1.49
CA VAL B 233 5.20 -13.69 1.95
C VAL B 233 4.32 -13.35 3.15
N GLU B 234 3.11 -13.89 3.17
CA GLU B 234 2.23 -13.63 4.29
C GLU B 234 2.87 -14.19 5.55
N MET B 235 3.47 -15.37 5.44
CA MET B 235 4.15 -15.99 6.58
C MET B 235 5.37 -15.17 6.98
N VAL B 236 6.16 -14.72 5.99
CA VAL B 236 7.36 -13.92 6.27
C VAL B 236 6.98 -12.61 6.97
N GLU B 237 5.90 -12.00 6.50
CA GLU B 237 5.45 -10.74 7.09
C GLU B 237 5.05 -10.86 8.57
N SER B 238 4.39 -11.96 8.94
CA SER B 238 3.98 -12.15 10.32
C SER B 238 5.23 -12.23 11.18
N ILE B 239 6.23 -12.94 10.70
CA ILE B 239 7.47 -13.09 11.45
C ILE B 239 8.23 -11.77 11.51
N VAL B 240 8.44 -11.15 10.36
CA VAL B 240 9.17 -9.88 10.32
C VAL B 240 8.50 -8.78 11.12
N LEU B 241 7.19 -8.62 10.94
CA LEU B 241 6.43 -7.59 11.64
C LEU B 241 5.88 -8.06 12.99
N ASP B 242 6.25 -9.27 13.39
CA ASP B 242 5.81 -9.85 14.66
C ASP B 242 4.29 -9.64 14.83
N ARG B 243 3.53 -10.00 13.81
CA ARG B 243 2.09 -9.81 13.83
C ARG B 243 1.26 -10.82 14.63
N LYS B 244 1.81 -12.01 14.86
CA LYS B 244 1.10 -13.07 15.57
C LYS B 244 -0.09 -13.58 14.75
N ARG B 245 0.07 -13.63 13.44
CA ARG B 245 -1.01 -14.14 12.59
C ARG B 245 -1.20 -15.61 12.98
N VAL B 246 -2.40 -16.14 12.74
CA VAL B 246 -2.66 -17.54 13.02
C VAL B 246 -2.82 -18.15 11.63
N LEU B 247 -1.80 -18.91 11.21
CA LEU B 247 -1.83 -19.50 9.88
C LEU B 247 -1.49 -20.98 9.85
N PRO B 248 -2.15 -21.74 8.98
CA PRO B 248 -1.86 -23.18 8.91
C PRO B 248 -0.54 -23.41 8.15
N CYS B 249 0.46 -23.90 8.86
CA CYS B 249 1.77 -24.18 8.27
C CYS B 249 2.21 -25.57 8.68
N ALA B 250 3.23 -26.09 8.00
CA ALA B 250 3.78 -27.41 8.31
C ALA B 250 4.76 -27.26 9.47
N VAL B 251 4.49 -27.95 10.57
CA VAL B 251 5.35 -27.87 11.75
C VAL B 251 5.43 -29.20 12.48
N GLY B 252 6.47 -29.35 13.30
CA GLY B 252 6.65 -30.57 14.06
C GLY B 252 5.76 -30.61 15.29
N LEU B 253 4.93 -31.65 15.39
CA LEU B 253 4.04 -31.80 16.53
C LEU B 253 4.70 -32.62 17.62
N GLU B 254 4.16 -32.51 18.84
CA GLU B 254 4.71 -33.25 19.97
C GLU B 254 3.58 -33.84 20.79
N GLY B 255 2.49 -34.22 20.13
CA GLY B 255 1.36 -34.80 20.81
C GLY B 255 0.02 -34.23 20.38
N GLN B 256 0.01 -32.97 19.95
CA GLN B 256 -1.25 -32.36 19.53
C GLN B 256 -1.89 -33.25 18.47
N TYR B 257 -3.22 -33.33 18.49
CA TYR B 257 -3.98 -34.14 17.55
C TYR B 257 -3.64 -35.62 17.63
N GLY B 258 -2.97 -36.02 18.71
CA GLY B 258 -2.60 -37.41 18.87
C GLY B 258 -1.47 -37.80 17.93
N ILE B 259 -0.69 -36.80 17.51
CA ILE B 259 0.42 -37.02 16.60
C ILE B 259 1.70 -36.53 17.26
N ASP B 260 2.76 -37.32 17.16
CA ASP B 260 4.03 -36.92 17.75
C ASP B 260 5.20 -36.97 16.75
N LYS B 261 6.10 -36.00 16.87
CA LYS B 261 7.29 -35.89 16.03
C LYS B 261 7.03 -35.49 14.57
N THR B 262 6.01 -36.10 13.97
CA THR B 262 5.67 -35.84 12.59
C THR B 262 5.40 -34.37 12.23
N PHE B 263 5.82 -33.98 11.04
CA PHE B 263 5.57 -32.63 10.57
C PHE B 263 4.27 -32.66 9.80
N VAL B 264 3.39 -31.72 10.11
CA VAL B 264 2.10 -31.67 9.45
C VAL B 264 1.50 -30.28 9.56
N GLY B 265 0.59 -29.97 8.65
CA GLY B 265 -0.05 -28.67 8.64
C GLY B 265 -1.13 -28.47 9.70
N VAL B 266 -0.92 -27.48 10.56
CA VAL B 266 -1.87 -27.14 11.61
C VAL B 266 -1.80 -25.63 11.84
N PRO B 267 -2.82 -25.05 12.47
CA PRO B 267 -2.79 -23.61 12.70
C PRO B 267 -1.71 -23.27 13.71
N VAL B 268 -0.91 -22.26 13.42
CA VAL B 268 0.15 -21.84 14.31
C VAL B 268 0.21 -20.31 14.42
N LYS B 269 0.74 -19.84 15.55
CA LYS B 269 0.90 -18.41 15.76
C LYS B 269 2.32 -18.04 15.36
N LEU B 270 2.44 -17.28 14.28
CA LEU B 270 3.73 -16.86 13.77
C LEU B 270 4.18 -15.52 14.31
N GLY B 271 5.36 -15.50 14.91
CA GLY B 271 5.91 -14.27 15.46
C GLY B 271 7.39 -14.14 15.12
N ARG B 272 8.05 -13.17 15.73
CA ARG B 272 9.47 -12.96 15.46
C ARG B 272 10.32 -14.17 15.85
N ASN B 273 9.80 -15.02 16.74
CA ASN B 273 10.55 -16.19 17.16
C ASN B 273 10.09 -17.46 16.44
N GLY B 274 9.35 -17.28 15.33
CA GLY B 274 8.88 -18.42 14.58
C GLY B 274 7.55 -18.94 15.11
N VAL B 275 7.47 -20.25 15.29
CA VAL B 275 6.26 -20.88 15.79
C VAL B 275 6.16 -20.57 17.28
N GLU B 276 5.27 -19.67 17.65
CA GLU B 276 5.13 -19.30 19.05
C GLU B 276 3.96 -20.01 19.73
N GLN B 277 3.16 -20.71 18.94
CA GLN B 277 2.05 -21.47 19.47
C GLN B 277 1.46 -22.40 18.43
N ILE B 278 1.15 -23.61 18.85
CA ILE B 278 0.54 -24.57 17.95
C ILE B 278 -0.91 -24.72 18.42
N TYR B 279 -1.85 -24.53 17.49
CA TYR B 279 -3.25 -24.64 17.83
C TYR B 279 -3.82 -26.01 17.53
N GLU B 280 -4.53 -26.54 18.51
CA GLU B 280 -5.13 -27.85 18.40
C GLU B 280 -6.64 -27.63 18.44
N ILE B 281 -7.26 -27.59 17.26
CA ILE B 281 -8.69 -27.37 17.13
C ILE B 281 -9.48 -28.67 17.22
N ASN B 282 -10.73 -28.57 17.66
CA ASN B 282 -11.57 -29.75 17.81
C ASN B 282 -12.12 -30.31 16.51
N LEU B 283 -11.39 -31.26 15.93
CA LEU B 283 -11.80 -31.90 14.69
C LEU B 283 -12.80 -33.03 14.95
N ASP B 284 -13.66 -33.30 13.97
CA ASP B 284 -14.63 -34.37 14.10
C ASP B 284 -13.84 -35.66 13.83
N GLN B 285 -14.42 -36.80 14.13
CA GLN B 285 -13.75 -38.09 13.95
C GLN B 285 -13.14 -38.35 12.58
N ALA B 286 -13.87 -38.01 11.53
CA ALA B 286 -13.36 -38.24 10.17
C ALA B 286 -12.08 -37.43 9.92
N ASP B 287 -12.13 -36.13 10.21
CA ASP B 287 -10.98 -35.26 9.98
C ASP B 287 -9.78 -35.58 10.86
N LEU B 288 -10.02 -35.96 12.11
CA LEU B 288 -8.93 -36.30 13.01
C LEU B 288 -8.22 -37.54 12.52
N ASP B 289 -8.97 -38.51 12.03
CA ASP B 289 -8.35 -39.74 11.53
C ASP B 289 -7.63 -39.49 10.22
N LEU B 290 -8.21 -38.63 9.39
CA LEU B 290 -7.60 -38.29 8.10
C LEU B 290 -6.25 -37.65 8.39
N LEU B 291 -6.23 -36.68 9.31
CA LEU B 291 -5.00 -35.99 9.68
C LEU B 291 -3.96 -36.96 10.19
N GLN B 292 -4.37 -37.85 11.09
CA GLN B 292 -3.46 -38.84 11.67
C GLN B 292 -2.96 -39.84 10.63
N LYS B 293 -3.83 -40.22 9.69
CA LYS B 293 -3.45 -41.17 8.63
C LYS B 293 -2.28 -40.57 7.86
N SER B 294 -2.50 -39.37 7.33
CA SER B 294 -1.49 -38.65 6.57
C SER B 294 -0.17 -38.58 7.32
N ALA B 295 -0.22 -38.00 8.51
CA ALA B 295 0.97 -37.86 9.34
C ALA B 295 1.78 -39.15 9.40
N LYS B 296 1.09 -40.28 9.49
CA LYS B 296 1.79 -41.56 9.53
C LYS B 296 2.54 -41.81 8.23
N ILE B 297 1.94 -41.38 7.11
CA ILE B 297 2.57 -41.55 5.80
C ILE B 297 3.81 -40.65 5.73
N VAL B 298 3.65 -39.40 6.16
CA VAL B 298 4.75 -38.43 6.18
C VAL B 298 5.87 -39.04 7.02
N ASP B 299 5.48 -39.72 8.08
CA ASP B 299 6.42 -40.34 8.99
C ASP B 299 7.18 -41.51 8.39
N GLU B 300 6.53 -42.32 7.56
CA GLU B 300 7.18 -43.46 6.94
C GLU B 300 8.28 -42.98 5.97
N ASN B 301 7.92 -42.03 5.11
CA ASN B 301 8.86 -41.46 4.15
C ASN B 301 10.09 -40.90 4.86
N CYS B 302 9.86 -40.17 5.94
CA CYS B 302 10.96 -39.59 6.69
C CYS B 302 11.86 -40.67 7.26
N LYS B 303 11.26 -41.76 7.72
CA LYS B 303 12.04 -42.87 8.28
C LYS B 303 12.95 -43.50 7.22
N MET B 304 12.42 -43.62 6.00
CA MET B 304 13.18 -44.21 4.90
C MET B 304 14.30 -43.29 4.42
N LEU B 305 14.16 -41.98 4.67
CA LEU B 305 15.19 -41.04 4.26
C LEU B 305 16.28 -40.99 5.32
N GLU B 306 16.07 -41.59 6.41
N MET C 1 -13.86 -0.40 -14.57
CA MET C 1 -12.59 -0.42 -15.33
C MET C 1 -12.20 -1.84 -15.70
N LYS C 2 -12.11 -2.10 -17.00
CA LYS C 2 -11.73 -3.40 -17.52
C LYS C 2 -10.41 -3.22 -18.29
N ILE C 3 -9.46 -4.12 -18.06
CA ILE C 3 -8.18 -4.03 -18.73
C ILE C 3 -7.79 -5.37 -19.31
N THR C 4 -7.27 -5.35 -20.53
CA THR C 4 -6.84 -6.59 -21.19
C THR C 4 -5.34 -6.57 -21.43
N VAL C 5 -4.70 -7.70 -21.20
CA VAL C 5 -3.28 -7.84 -21.43
C VAL C 5 -3.08 -8.90 -22.50
N ILE C 6 -2.60 -8.49 -23.67
CA ILE C 6 -2.37 -9.46 -24.74
C ILE C 6 -0.97 -10.02 -24.53
N GLY C 7 -0.89 -11.33 -24.37
CA GLY C 7 0.38 -11.97 -24.15
C GLY C 7 0.51 -12.39 -22.70
N ALA C 8 0.62 -13.69 -22.47
CA ALA C 8 0.73 -14.24 -21.12
C ALA C 8 2.15 -14.71 -20.79
N GLY C 9 3.14 -14.06 -21.41
CA GLY C 9 4.52 -14.42 -21.15
C GLY C 9 5.01 -13.77 -19.87
N ASN C 10 6.32 -13.63 -19.72
CA ASN C 10 6.89 -13.04 -18.51
C ASN C 10 6.47 -11.60 -18.25
N VAL C 11 6.49 -10.74 -19.26
CA VAL C 11 6.11 -9.34 -19.04
C VAL C 11 4.60 -9.19 -18.99
N GLY C 12 3.89 -9.94 -19.80
CA GLY C 12 2.43 -9.86 -19.80
C GLY C 12 1.83 -10.32 -18.48
N ALA C 13 2.26 -11.48 -18.02
CA ALA C 13 1.77 -12.05 -16.76
C ALA C 13 2.19 -11.20 -15.56
N THR C 14 3.46 -10.83 -15.51
CA THR C 14 3.96 -10.03 -14.40
C THR C 14 3.17 -8.72 -14.32
N THR C 15 2.79 -8.18 -15.48
CA THR C 15 2.03 -6.94 -15.52
C THR C 15 0.60 -7.15 -15.04
N ALA C 16 0.02 -8.27 -15.47
CA ALA C 16 -1.34 -8.62 -15.08
C ALA C 16 -1.43 -8.75 -13.56
N PHE C 17 -0.50 -9.51 -13.01
CA PHE C 17 -0.45 -9.74 -11.57
C PHE C 17 -0.38 -8.42 -10.79
N ARG C 18 0.56 -7.56 -11.17
CA ARG C 18 0.74 -6.27 -10.50
C ARG C 18 -0.55 -5.43 -10.58
N LEU C 19 -1.18 -5.45 -11.75
CA LEU C 19 -2.41 -4.71 -11.98
C LEU C 19 -3.52 -5.24 -11.06
N ALA C 20 -3.60 -6.57 -10.94
CA ALA C 20 -4.59 -7.23 -10.09
C ALA C 20 -4.45 -6.79 -8.64
N GLU C 21 -3.23 -6.91 -8.11
CA GLU C 21 -2.96 -6.56 -6.73
C GLU C 21 -3.19 -5.10 -6.39
N LYS C 22 -2.93 -4.21 -7.34
CA LYS C 22 -3.12 -2.79 -7.11
C LYS C 22 -4.59 -2.38 -7.22
N GLN C 23 -5.44 -3.31 -7.62
CA GLN C 23 -6.87 -3.09 -7.79
C GLN C 23 -7.18 -1.92 -8.71
N LEU C 24 -6.35 -1.76 -9.73
CA LEU C 24 -6.53 -0.68 -10.69
C LEU C 24 -7.68 -0.98 -11.65
N ALA C 25 -8.18 -2.21 -11.60
CA ALA C 25 -9.29 -2.63 -12.46
C ALA C 25 -10.14 -3.68 -11.75
N ARG C 26 -11.45 -3.66 -11.94
CA ARG C 26 -12.30 -4.67 -11.31
C ARG C 26 -12.30 -5.91 -12.18
N GLU C 27 -11.92 -5.73 -13.43
CA GLU C 27 -11.85 -6.83 -14.41
C GLU C 27 -10.53 -6.79 -15.17
N LEU C 28 -9.81 -7.91 -15.14
CA LEU C 28 -8.54 -8.00 -15.85
C LEU C 28 -8.53 -9.29 -16.68
N VAL C 29 -8.31 -9.14 -17.98
CA VAL C 29 -8.28 -10.28 -18.90
C VAL C 29 -6.88 -10.50 -19.47
N LEU C 30 -6.43 -11.74 -19.41
CA LEU C 30 -5.12 -12.11 -19.92
C LEU C 30 -5.34 -13.03 -21.11
N LEU C 31 -5.00 -12.55 -22.31
CA LEU C 31 -5.20 -13.35 -23.51
C LEU C 31 -3.90 -13.74 -24.20
N ASP C 32 -3.89 -14.91 -24.82
CA ASP C 32 -2.70 -15.41 -25.52
C ASP C 32 -3.16 -16.40 -26.58
N VAL C 33 -2.29 -16.74 -27.52
CA VAL C 33 -2.66 -17.67 -28.58
C VAL C 33 -2.53 -19.12 -28.12
N VAL C 34 -1.58 -19.37 -27.22
CA VAL C 34 -1.37 -20.71 -26.71
C VAL C 34 -2.44 -21.09 -25.69
N GLU C 35 -3.15 -22.17 -25.96
CA GLU C 35 -4.22 -22.64 -25.07
C GLU C 35 -3.59 -23.14 -23.77
N GLY C 36 -4.19 -22.74 -22.64
CA GLY C 36 -3.68 -23.19 -21.35
C GLY C 36 -2.98 -22.15 -20.50
N ILE C 37 -1.82 -21.69 -20.96
CA ILE C 37 -1.03 -20.71 -20.22
C ILE C 37 -1.81 -19.53 -19.64
N PRO C 38 -2.57 -18.83 -20.48
CA PRO C 38 -3.34 -17.69 -19.97
C PRO C 38 -4.39 -18.08 -18.92
N GLN C 39 -5.03 -19.24 -19.10
CA GLN C 39 -6.03 -19.70 -18.15
C GLN C 39 -5.35 -20.02 -16.82
N GLY C 40 -4.26 -20.79 -16.91
CA GLY C 40 -3.53 -21.19 -15.72
C GLY C 40 -2.96 -20.05 -14.89
N LYS C 41 -2.20 -19.17 -15.56
CA LYS C 41 -1.58 -18.04 -14.87
C LYS C 41 -2.64 -17.14 -14.25
N ALA C 42 -3.69 -16.87 -15.01
CA ALA C 42 -4.78 -16.02 -14.55
C ALA C 42 -5.47 -16.60 -13.31
N LEU C 43 -5.68 -17.91 -13.30
CA LEU C 43 -6.33 -18.57 -12.17
C LEU C 43 -5.40 -18.52 -10.96
N ASP C 44 -4.11 -18.70 -11.21
CA ASP C 44 -3.11 -18.67 -10.16
C ASP C 44 -3.10 -17.27 -9.52
N MET C 45 -3.26 -16.24 -10.35
CA MET C 45 -3.28 -14.86 -9.85
C MET C 45 -4.50 -14.66 -8.95
N TYR C 46 -5.68 -14.96 -9.49
CA TYR C 46 -6.91 -14.81 -8.72
C TYR C 46 -6.83 -15.56 -7.39
N GLU C 47 -6.31 -16.79 -7.42
CA GLU C 47 -6.20 -17.58 -6.19
C GLU C 47 -5.26 -16.97 -5.16
N SER C 48 -4.61 -15.86 -5.51
CA SER C 48 -3.72 -15.22 -4.56
C SER C 48 -4.42 -14.01 -3.94
N GLY C 49 -5.57 -13.64 -4.49
CA GLY C 49 -6.34 -12.53 -3.96
C GLY C 49 -6.70 -12.63 -2.49
N PRO C 50 -6.95 -13.85 -1.96
CA PRO C 50 -7.30 -14.00 -0.54
C PRO C 50 -6.14 -13.55 0.33
N VAL C 51 -4.93 -13.70 -0.21
CA VAL C 51 -3.74 -13.31 0.51
C VAL C 51 -3.30 -11.90 0.12
N GLY C 52 -3.37 -11.59 -1.17
CA GLY C 52 -2.97 -10.27 -1.62
C GLY C 52 -3.95 -9.20 -1.21
N LEU C 53 -5.15 -9.62 -0.79
CA LEU C 53 -6.20 -8.71 -0.35
C LEU C 53 -6.81 -7.89 -1.48
N PHE C 54 -7.13 -8.55 -2.57
CA PHE C 54 -7.76 -7.89 -3.71
C PHE C 54 -8.83 -8.82 -4.24
N ASP C 55 -9.84 -8.26 -4.91
CA ASP C 55 -10.92 -9.07 -5.47
C ASP C 55 -11.02 -8.91 -6.99
N THR C 56 -9.96 -8.36 -7.58
CA THR C 56 -9.89 -8.18 -9.02
C THR C 56 -10.25 -9.49 -9.71
N LYS C 57 -11.24 -9.47 -10.59
CA LYS C 57 -11.61 -10.69 -11.30
C LYS C 57 -10.63 -10.90 -12.44
N VAL C 58 -9.66 -11.79 -12.21
CA VAL C 58 -8.64 -12.09 -13.21
C VAL C 58 -8.97 -13.38 -13.93
N THR C 59 -9.20 -13.29 -15.24
CA THR C 59 -9.52 -14.46 -16.04
C THR C 59 -8.59 -14.57 -17.25
N GLY C 60 -8.28 -15.80 -17.63
CA GLY C 60 -7.42 -16.03 -18.77
C GLY C 60 -8.24 -16.53 -19.95
N SER C 61 -7.82 -16.19 -21.16
CA SER C 61 -8.57 -16.62 -22.34
C SER C 61 -7.80 -16.60 -23.65
N ASN C 62 -8.37 -17.27 -24.64
CA ASN C 62 -7.81 -17.36 -25.99
C ASN C 62 -8.87 -16.80 -26.93
N ASP C 63 -9.92 -16.21 -26.35
CA ASP C 63 -11.03 -15.67 -27.12
C ASP C 63 -11.17 -14.16 -26.99
N TYR C 64 -10.89 -13.44 -28.08
CA TYR C 64 -11.00 -11.99 -28.05
C TYR C 64 -12.36 -11.47 -27.64
N ALA C 65 -13.36 -12.35 -27.60
CA ALA C 65 -14.69 -11.93 -27.20
C ALA C 65 -14.63 -11.47 -25.74
N ASP C 66 -13.81 -12.17 -24.96
CA ASP C 66 -13.64 -11.88 -23.55
C ASP C 66 -13.05 -10.49 -23.27
N THR C 67 -12.33 -9.95 -24.24
CA THR C 67 -11.72 -8.63 -24.08
C THR C 67 -12.73 -7.53 -24.43
N ALA C 68 -13.95 -7.94 -24.70
CA ALA C 68 -15.02 -7.01 -25.07
C ALA C 68 -15.06 -5.74 -24.25
N ASN C 69 -15.11 -4.60 -24.93
CA ASN C 69 -15.19 -3.30 -24.27
C ASN C 69 -14.13 -3.03 -23.21
N SER C 70 -12.87 -3.34 -23.51
CA SER C 70 -11.80 -3.08 -22.55
C SER C 70 -11.49 -1.58 -22.56
N ASP C 71 -11.30 -1.02 -21.38
CA ASP C 71 -10.99 0.41 -21.28
C ASP C 71 -9.53 0.66 -21.65
N ILE C 72 -8.68 -0.32 -21.36
CA ILE C 72 -7.25 -0.23 -21.68
C ILE C 72 -6.79 -1.60 -22.16
N VAL C 73 -5.95 -1.60 -23.20
CA VAL C 73 -5.43 -2.83 -23.76
C VAL C 73 -3.90 -2.75 -23.83
N ILE C 74 -3.24 -3.75 -23.25
CA ILE C 74 -1.79 -3.80 -23.20
C ILE C 74 -1.27 -4.92 -24.10
N ILE C 75 -0.51 -4.54 -25.12
CA ILE C 75 0.04 -5.51 -26.07
C ILE C 75 1.49 -5.87 -25.73
N THR C 76 1.70 -7.13 -25.37
CA THR C 76 3.04 -7.61 -25.03
C THR C 76 3.37 -8.84 -25.87
N ALA C 77 2.56 -9.08 -26.90
CA ALA C 77 2.75 -10.23 -27.77
C ALA C 77 4.04 -10.15 -28.60
N GLY C 78 4.60 -11.31 -28.94
CA GLY C 78 5.82 -11.36 -29.72
C GLY C 78 6.83 -12.33 -29.15
N LEU C 79 8.10 -12.14 -29.51
CA LEU C 79 9.21 -12.97 -29.04
C LEU C 79 10.46 -12.54 -29.83
N PRO C 80 10.89 -11.28 -29.64
CA PRO C 80 12.03 -10.59 -30.23
C PRO C 80 13.44 -11.15 -30.11
N ARG C 81 14.31 -10.50 -30.88
CA ARG C 81 15.74 -10.77 -30.97
C ARG C 81 16.26 -12.03 -30.28
N LYS C 82 16.34 -13.11 -31.04
CA LYS C 82 16.88 -14.36 -30.52
C LYS C 82 18.39 -14.10 -30.45
N PRO C 83 19.19 -15.12 -30.06
CA PRO C 83 20.64 -14.93 -29.98
C PRO C 83 21.33 -14.55 -31.30
N GLY C 84 20.55 -14.17 -32.31
CA GLY C 84 21.16 -13.79 -33.57
C GLY C 84 20.15 -13.33 -34.61
N MET C 85 19.04 -12.77 -34.16
CA MET C 85 18.01 -12.28 -35.06
C MET C 85 18.41 -10.99 -35.76
N THR C 86 17.81 -10.76 -36.92
CA THR C 86 18.06 -9.56 -37.71
C THR C 86 17.08 -8.48 -37.27
N ARG C 87 17.52 -7.23 -37.27
CA ARG C 87 16.62 -6.14 -36.90
C ARG C 87 15.45 -6.18 -37.87
N GLU C 88 15.75 -6.57 -39.11
CA GLU C 88 14.75 -6.66 -40.17
C GLU C 88 13.77 -7.79 -39.87
N ASP C 89 14.33 -8.97 -39.61
CA ASP C 89 13.55 -10.17 -39.30
C ASP C 89 12.57 -9.93 -38.17
N LEU C 90 13.08 -9.42 -37.05
CA LEU C 90 12.24 -9.14 -35.89
C LEU C 90 11.14 -8.14 -36.23
N LEU C 91 11.52 -7.10 -36.98
CA LEU C 91 10.59 -6.06 -37.38
C LEU C 91 9.38 -6.58 -38.14
N MET C 92 9.61 -7.51 -39.07
CA MET C 92 8.54 -8.08 -39.87
C MET C 92 7.65 -9.00 -39.06
N LYS C 93 8.26 -9.87 -38.27
CA LYS C 93 7.53 -10.82 -37.44
C LYS C 93 6.61 -10.11 -36.45
N ASN C 94 7.18 -9.26 -35.61
CA ASN C 94 6.38 -8.55 -34.63
C ASN C 94 5.39 -7.56 -35.25
N ALA C 95 5.73 -7.05 -36.44
CA ALA C 95 4.83 -6.10 -37.11
C ALA C 95 3.53 -6.82 -37.46
N GLY C 96 3.65 -8.09 -37.85
CA GLY C 96 2.48 -8.86 -38.20
C GLY C 96 1.72 -9.22 -36.94
N ILE C 97 2.45 -9.50 -35.86
CA ILE C 97 1.83 -9.84 -34.59
C ILE C 97 1.04 -8.67 -34.04
N VAL C 98 1.67 -7.50 -33.98
CA VAL C 98 1.00 -6.31 -33.47
C VAL C 98 -0.23 -5.95 -34.29
N LYS C 99 -0.16 -6.11 -35.61
CA LYS C 99 -1.33 -5.77 -36.41
C LYS C 99 -2.44 -6.79 -36.24
N GLU C 100 -2.07 -8.07 -36.21
CA GLU C 100 -3.06 -9.12 -36.03
C GLU C 100 -3.81 -8.90 -34.71
N VAL C 101 -3.08 -8.53 -33.67
CA VAL C 101 -3.67 -8.28 -32.36
C VAL C 101 -4.53 -7.02 -32.35
N THR C 102 -3.97 -5.91 -32.84
CA THR C 102 -4.69 -4.66 -32.86
C THR C 102 -6.04 -4.76 -33.59
N ASP C 103 -6.04 -5.45 -34.74
CA ASP C 103 -7.26 -5.61 -35.51
C ASP C 103 -8.28 -6.42 -34.69
N ASN C 104 -7.78 -7.45 -34.01
CA ASN C 104 -8.63 -8.30 -33.18
C ASN C 104 -9.28 -7.57 -32.02
N ILE C 105 -8.51 -6.75 -31.30
CA ILE C 105 -9.07 -6.03 -30.18
C ILE C 105 -10.06 -4.94 -30.61
N MET C 106 -9.84 -4.35 -31.78
CA MET C 106 -10.74 -3.31 -32.25
C MET C 106 -12.14 -3.84 -32.63
N LYS C 107 -12.24 -5.15 -32.83
CA LYS C 107 -13.50 -5.78 -33.19
C LYS C 107 -14.36 -6.04 -31.95
N HIS C 108 -13.77 -5.88 -30.77
CA HIS C 108 -14.50 -6.12 -29.54
C HIS C 108 -14.45 -4.94 -28.58
N SER C 109 -13.66 -3.93 -28.93
CA SER C 109 -13.51 -2.72 -28.13
C SER C 109 -13.43 -1.54 -29.09
N LYS C 110 -14.29 -0.54 -28.88
CA LYS C 110 -14.34 0.60 -29.77
C LYS C 110 -13.45 1.80 -29.44
N ASN C 111 -13.36 2.18 -28.17
CA ASN C 111 -12.56 3.33 -27.81
C ASN C 111 -11.59 3.05 -26.65
N PRO C 112 -10.79 1.99 -26.74
CA PRO C 112 -9.84 1.66 -25.68
C PRO C 112 -8.51 2.38 -25.84
N ILE C 113 -7.79 2.58 -24.75
CA ILE C 113 -6.49 3.20 -24.83
C ILE C 113 -5.56 2.02 -25.01
N ILE C 114 -4.69 2.09 -26.00
CA ILE C 114 -3.77 0.99 -26.27
C ILE C 114 -2.36 1.35 -25.83
N ILE C 115 -1.76 0.45 -25.06
CA ILE C 115 -0.39 0.64 -24.60
C ILE C 115 0.39 -0.53 -25.17
N VAL C 116 1.41 -0.19 -25.95
CA VAL C 116 2.24 -1.20 -26.60
C VAL C 116 3.56 -1.44 -25.87
N VAL C 117 4.00 -2.69 -25.87
CA VAL C 117 5.24 -3.06 -25.23
C VAL C 117 6.14 -3.84 -26.19
N SER C 118 5.54 -4.40 -27.23
CA SER C 118 6.27 -5.20 -28.23
C SER C 118 7.38 -4.41 -28.95
N ASN C 119 8.53 -5.07 -29.16
CA ASN C 119 9.68 -4.46 -29.83
C ASN C 119 9.74 -4.80 -31.33
N PRO C 120 10.31 -3.90 -32.16
CA PRO C 120 10.88 -2.60 -31.77
C PRO C 120 9.75 -1.67 -31.36
N LEU C 121 9.81 -1.15 -30.14
CA LEU C 121 8.75 -0.31 -29.62
C LEU C 121 8.21 0.83 -30.47
N ASP C 122 9.03 1.83 -30.77
CA ASP C 122 8.57 2.97 -31.56
C ASP C 122 7.81 2.55 -32.80
N ILE C 123 8.32 1.54 -33.49
CA ILE C 123 7.69 1.06 -34.72
C ILE C 123 6.40 0.29 -34.47
N MET C 124 6.40 -0.58 -33.47
CA MET C 124 5.21 -1.36 -33.15
C MET C 124 4.06 -0.47 -32.67
N THR C 125 4.40 0.61 -31.99
CA THR C 125 3.40 1.54 -31.49
C THR C 125 2.75 2.26 -32.68
N HIS C 126 3.55 2.51 -33.72
CA HIS C 126 3.06 3.15 -34.93
C HIS C 126 2.07 2.21 -35.62
N VAL C 127 2.47 0.95 -35.74
CA VAL C 127 1.65 -0.08 -36.35
C VAL C 127 0.30 -0.16 -35.63
N ALA C 128 0.34 -0.46 -34.34
CA ALA C 128 -0.87 -0.56 -33.54
C ALA C 128 -1.77 0.64 -33.78
N TRP C 129 -1.17 1.82 -33.80
CA TRP C 129 -1.92 3.05 -34.01
C TRP C 129 -2.67 3.09 -35.33
N VAL C 130 -1.98 2.81 -36.44
CA VAL C 130 -2.63 2.86 -37.75
C VAL C 130 -3.80 1.88 -37.84
N ARG C 131 -3.61 0.67 -37.32
CA ARG C 131 -4.66 -0.33 -37.36
C ARG C 131 -5.85 0.07 -36.49
N SER C 132 -5.56 0.45 -35.24
CA SER C 132 -6.61 0.84 -34.29
C SER C 132 -7.58 1.88 -34.87
N GLY C 133 -7.05 2.85 -35.61
CA GLY C 133 -7.88 3.87 -36.21
C GLY C 133 -8.30 4.92 -35.19
N LEU C 134 -7.70 4.86 -34.01
CA LEU C 134 -8.02 5.80 -32.94
C LEU C 134 -7.11 7.02 -33.02
N PRO C 135 -7.48 8.11 -32.33
CA PRO C 135 -6.62 9.28 -32.37
C PRO C 135 -5.29 8.87 -31.74
N LYS C 136 -4.19 9.47 -32.20
CA LYS C 136 -2.88 9.14 -31.68
C LYS C 136 -2.77 9.29 -30.16
N GLU C 137 -3.67 10.10 -29.58
CA GLU C 137 -3.65 10.32 -28.14
C GLU C 137 -4.06 9.12 -27.29
N ARG C 138 -4.52 8.05 -27.94
CA ARG C 138 -4.97 6.87 -27.21
C ARG C 138 -4.16 5.62 -27.51
N VAL C 139 -2.99 5.82 -28.11
CA VAL C 139 -2.08 4.73 -28.44
C VAL C 139 -0.68 5.19 -28.04
N ILE C 140 -0.10 4.54 -27.04
CA ILE C 140 1.22 4.89 -26.56
C ILE C 140 2.08 3.66 -26.32
N GLY C 141 3.39 3.85 -26.30
CA GLY C 141 4.28 2.72 -26.09
C GLY C 141 5.11 2.91 -24.83
N MET C 142 5.56 1.79 -24.25
CA MET C 142 6.37 1.85 -23.04
C MET C 142 7.83 1.59 -23.37
N ALA C 143 8.70 2.54 -23.03
CA ALA C 143 10.13 2.39 -23.26
C ALA C 143 10.93 3.34 -22.39
N GLY C 144 10.61 4.63 -22.48
CA GLY C 144 11.32 5.64 -21.70
C GLY C 144 11.32 5.41 -20.20
N VAL C 145 10.20 4.94 -19.64
CA VAL C 145 10.13 4.71 -18.20
C VAL C 145 11.14 3.64 -17.77
N LEU C 146 11.25 2.57 -18.56
CA LEU C 146 12.18 1.50 -18.25
C LEU C 146 13.64 1.98 -18.32
N ASP C 147 13.99 2.69 -19.39
CA ASP C 147 15.37 3.19 -19.51
C ASP C 147 15.64 4.15 -18.36
N ALA C 148 14.66 5.01 -18.08
CA ALA C 148 14.81 5.96 -16.99
C ALA C 148 14.96 5.20 -15.66
N ALA C 149 14.16 4.15 -15.47
CA ALA C 149 14.25 3.37 -14.24
C ALA C 149 15.66 2.78 -14.07
N ARG C 150 16.19 2.20 -15.14
CA ARG C 150 17.52 1.62 -15.07
C ARG C 150 18.55 2.70 -14.77
N PHE C 151 18.47 3.80 -15.51
CA PHE C 151 19.39 4.93 -15.33
C PHE C 151 19.41 5.33 -13.85
N ARG C 152 18.23 5.46 -13.24
CA ARG C 152 18.16 5.86 -11.84
C ARG C 152 18.79 4.85 -10.91
N SER C 153 18.54 3.57 -11.15
CA SER C 153 19.11 2.54 -10.29
C SER C 153 20.64 2.56 -10.34
N PHE C 154 21.21 2.94 -11.49
CA PHE C 154 22.66 2.99 -11.66
C PHE C 154 23.21 4.20 -10.92
N ILE C 155 22.52 5.33 -11.05
CA ILE C 155 22.93 6.53 -10.35
C ILE C 155 22.84 6.28 -8.83
N ALA C 156 21.85 5.50 -8.43
CA ALA C 156 21.67 5.20 -7.00
C ALA C 156 22.84 4.41 -6.45
N MET C 157 23.29 3.40 -7.21
CA MET C 157 24.42 2.57 -6.78
C MET C 157 25.69 3.42 -6.72
N GLU C 158 25.78 4.37 -7.63
CA GLU C 158 26.97 5.22 -7.71
C GLU C 158 27.08 6.19 -6.54
N LEU C 159 25.96 6.77 -6.13
CA LEU C 159 25.96 7.75 -5.05
C LEU C 159 25.43 7.27 -3.71
N GLY C 160 24.82 6.09 -3.69
CA GLY C 160 24.29 5.59 -2.44
C GLY C 160 23.11 6.41 -1.95
N VAL C 161 22.21 6.75 -2.86
CA VAL C 161 21.02 7.51 -2.50
C VAL C 161 19.79 6.77 -2.99
N SER C 162 18.66 7.02 -2.33
CA SER C 162 17.41 6.38 -2.71
C SER C 162 17.04 6.64 -4.16
N MET C 163 16.52 5.62 -4.81
CA MET C 163 16.11 5.77 -6.20
C MET C 163 14.92 6.68 -6.33
N GLN C 164 14.21 6.91 -5.23
CA GLN C 164 13.04 7.78 -5.25
C GLN C 164 13.39 9.25 -5.46
N ASP C 165 14.61 9.63 -5.11
CA ASP C 165 15.03 11.02 -5.26
C ASP C 165 15.89 11.25 -6.49
N ILE C 166 15.78 10.36 -7.47
CA ILE C 166 16.55 10.49 -8.70
C ILE C 166 15.63 10.60 -9.88
N ASN C 167 15.87 11.59 -10.73
CA ASN C 167 15.09 11.77 -11.94
C ASN C 167 16.02 11.51 -13.13
N ALA C 168 15.55 10.73 -14.10
CA ALA C 168 16.36 10.45 -15.28
C ALA C 168 15.54 10.80 -16.50
N CYS C 169 16.04 11.75 -17.29
CA CYS C 169 15.34 12.16 -18.50
C CYS C 169 15.88 11.35 -19.67
N VAL C 170 15.02 10.53 -20.27
CA VAL C 170 15.41 9.69 -21.40
C VAL C 170 14.39 9.77 -22.53
N LEU C 171 14.79 10.27 -23.69
CA LEU C 171 13.89 10.37 -24.84
C LEU C 171 14.33 9.40 -25.94
N GLY C 172 13.60 9.41 -27.04
CA GLY C 172 13.93 8.54 -28.17
C GLY C 172 13.52 7.10 -27.99
N GLY C 173 14.39 6.19 -28.41
CA GLY C 173 14.10 4.76 -28.29
C GLY C 173 15.14 4.03 -27.46
N HIS C 174 15.43 2.78 -27.82
CA HIS C 174 16.41 1.96 -27.11
C HIS C 174 17.73 1.90 -27.86
N GLY C 175 18.78 1.47 -27.18
CA GLY C 175 20.09 1.36 -27.81
C GLY C 175 20.58 2.64 -28.46
N ASP C 176 21.01 2.54 -29.71
CA ASP C 176 21.51 3.70 -30.46
C ASP C 176 20.48 4.81 -30.55
N ALA C 177 19.21 4.43 -30.56
CA ALA C 177 18.14 5.41 -30.66
C ALA C 177 17.81 6.11 -29.34
N MET C 178 18.40 5.64 -28.25
CA MET C 178 18.13 6.23 -26.94
C MET C 178 18.78 7.60 -26.82
N VAL C 179 18.00 8.56 -26.33
CA VAL C 179 18.53 9.91 -26.15
C VAL C 179 18.42 10.38 -24.71
N PRO C 180 19.39 10.00 -23.86
CA PRO C 180 19.38 10.42 -22.46
C PRO C 180 19.77 11.89 -22.37
N VAL C 181 18.99 12.66 -21.63
CA VAL C 181 19.28 14.09 -21.47
C VAL C 181 19.92 14.33 -20.10
N VAL C 182 21.24 14.27 -20.08
CA VAL C 182 22.02 14.47 -18.85
C VAL C 182 21.65 15.76 -18.13
N LYS C 183 21.35 16.80 -18.91
CA LYS C 183 21.00 18.11 -18.38
C LYS C 183 19.81 18.08 -17.41
N TYR C 184 18.82 17.24 -17.70
CA TYR C 184 17.63 17.12 -16.88
C TYR C 184 17.62 15.86 -16.03
N THR C 185 18.80 15.29 -15.79
CA THR C 185 18.92 14.09 -14.98
C THR C 185 19.48 14.55 -13.64
N THR C 186 18.63 14.44 -12.61
CA THR C 186 18.97 14.93 -11.27
C THR C 186 18.89 13.99 -10.07
N VAL C 187 19.42 14.48 -8.96
CA VAL C 187 19.42 13.78 -7.68
C VAL C 187 18.97 14.87 -6.71
N ALA C 188 17.71 14.80 -6.26
CA ALA C 188 17.16 15.80 -5.35
C ALA C 188 17.20 17.17 -6.01
N GLY C 189 16.95 17.19 -7.32
CA GLY C 189 16.96 18.43 -8.06
C GLY C 189 18.32 18.88 -8.57
N ILE C 190 19.40 18.28 -8.08
CA ILE C 190 20.75 18.65 -8.49
C ILE C 190 21.16 17.90 -9.76
N PRO C 191 21.57 18.62 -10.82
CA PRO C 191 21.98 17.91 -12.04
C PRO C 191 23.14 16.99 -11.73
N ILE C 192 23.13 15.77 -12.29
CA ILE C 192 24.22 14.86 -11.99
C ILE C 192 25.57 15.38 -12.49
N SER C 193 25.56 16.29 -13.45
CA SER C 193 26.84 16.84 -13.93
C SER C 193 27.47 17.67 -12.82
N ASP C 194 26.63 18.14 -11.89
CA ASP C 194 27.11 18.93 -10.74
C ASP C 194 27.69 17.96 -9.72
N LEU C 195 27.32 16.68 -9.84
CA LEU C 195 27.74 15.66 -8.88
C LEU C 195 28.77 14.63 -9.34
N LEU C 196 28.69 14.17 -10.57
CA LEU C 196 29.61 13.15 -11.07
C LEU C 196 30.44 13.59 -12.26
N PRO C 197 31.62 13.00 -12.44
CA PRO C 197 32.52 13.31 -13.56
C PRO C 197 31.94 12.83 -14.88
N ALA C 198 32.17 13.58 -15.95
CA ALA C 198 31.66 13.22 -17.26
C ALA C 198 31.98 11.75 -17.61
N GLU C 199 33.12 11.27 -17.15
CA GLU C 199 33.54 9.90 -17.43
C GLU C 199 32.61 8.87 -16.81
N THR C 200 32.24 9.09 -15.55
CA THR C 200 31.34 8.16 -14.88
C THR C 200 29.96 8.27 -15.51
N ILE C 201 29.53 9.49 -15.80
CA ILE C 201 28.22 9.71 -16.40
C ILE C 201 28.08 8.95 -17.72
N ASP C 202 29.12 8.99 -18.55
CA ASP C 202 29.08 8.30 -19.83
C ASP C 202 28.92 6.81 -19.63
N LYS C 203 29.59 6.27 -18.61
CA LYS C 203 29.50 4.85 -18.32
C LYS C 203 28.07 4.52 -17.90
N LEU C 204 27.45 5.42 -17.15
CA LEU C 204 26.08 5.22 -16.69
C LEU C 204 25.12 5.25 -17.85
N VAL C 205 25.35 6.17 -18.78
CA VAL C 205 24.50 6.31 -19.94
C VAL C 205 24.57 5.09 -20.86
N GLU C 206 25.76 4.52 -21.03
CA GLU C 206 25.93 3.37 -21.91
C GLU C 206 25.36 2.10 -21.29
N ARG C 207 25.46 1.97 -19.97
CA ARG C 207 24.89 0.80 -19.30
C ARG C 207 23.38 0.88 -19.49
N THR C 208 22.85 2.09 -19.42
CA THR C 208 21.42 2.29 -19.62
C THR C 208 21.08 1.90 -21.05
N ARG C 209 21.91 2.35 -21.98
CA ARG C 209 21.70 2.04 -23.39
C ARG C 209 21.58 0.53 -23.63
N ASN C 210 22.50 -0.25 -23.05
CA ASN C 210 22.48 -1.70 -23.21
C ASN C 210 21.95 -2.42 -21.95
N GLY C 211 21.01 -1.78 -21.25
CA GLY C 211 20.45 -2.36 -20.04
C GLY C 211 19.73 -3.67 -20.25
N GLY C 212 18.97 -3.77 -21.33
CA GLY C 212 18.25 -5.01 -21.61
C GLY C 212 19.22 -6.15 -21.86
N ALA C 213 20.29 -5.86 -22.60
CA ALA C 213 21.30 -6.86 -22.93
C ALA C 213 22.00 -7.39 -21.69
N GLU C 214 22.21 -6.51 -20.71
CA GLU C 214 22.86 -6.92 -19.48
C GLU C 214 22.01 -7.99 -18.77
N ILE C 215 20.69 -7.84 -18.81
CA ILE C 215 19.81 -8.80 -18.17
C ILE C 215 19.92 -10.11 -18.97
N VAL C 216 19.73 -10.00 -20.27
CA VAL C 216 19.81 -11.14 -21.18
C VAL C 216 21.11 -11.90 -20.96
N GLU C 217 22.19 -11.17 -20.77
CA GLU C 217 23.49 -11.76 -20.56
C GLU C 217 23.50 -12.72 -19.36
N HIS C 218 22.71 -12.40 -18.35
CA HIS C 218 22.65 -13.25 -17.16
C HIS C 218 21.64 -14.38 -17.26
N LEU C 219 20.44 -14.08 -17.75
CA LEU C 219 19.38 -15.08 -17.87
C LEU C 219 19.66 -16.11 -18.98
N LYS C 220 20.58 -15.77 -19.89
CA LYS C 220 20.93 -16.67 -20.99
C LYS C 220 19.79 -16.81 -21.99
N GLN C 221 18.57 -16.95 -21.47
CA GLN C 221 17.39 -17.10 -22.33
C GLN C 221 16.28 -16.15 -21.92
N GLY C 222 15.56 -15.63 -22.91
CA GLY C 222 14.47 -14.71 -22.63
C GLY C 222 14.96 -13.28 -22.49
N SER C 223 14.47 -12.59 -21.46
CA SER C 223 14.86 -11.20 -21.20
C SER C 223 14.16 -10.61 -19.97
N ALA C 224 14.43 -9.35 -19.69
CA ALA C 224 13.87 -8.65 -18.53
C ALA C 224 12.35 -8.55 -18.53
N PHE C 225 11.76 -8.62 -17.34
CA PHE C 225 10.31 -8.48 -17.26
C PHE C 225 9.78 -7.81 -16.00
N TYR C 226 10.56 -7.79 -14.93
CA TYR C 226 10.09 -7.13 -13.70
C TYR C 226 10.08 -5.61 -13.85
N ALA C 227 11.20 -5.04 -14.27
CA ALA C 227 11.30 -3.59 -14.48
C ALA C 227 10.35 -3.19 -15.60
N PRO C 228 10.32 -3.95 -16.71
CA PRO C 228 9.41 -3.60 -17.80
C PRO C 228 7.95 -3.59 -17.31
N ALA C 229 7.56 -4.63 -16.58
CA ALA C 229 6.19 -4.73 -16.08
C ALA C 229 5.87 -3.55 -15.17
N SER C 230 6.75 -3.27 -14.22
CA SER C 230 6.55 -2.16 -13.30
C SER C 230 6.40 -0.84 -14.05
N SER C 231 7.16 -0.69 -15.14
CA SER C 231 7.10 0.55 -15.92
C SER C 231 5.75 0.69 -16.61
N VAL C 232 5.26 -0.40 -17.16
CA VAL C 232 3.97 -0.38 -17.85
C VAL C 232 2.87 0.01 -16.88
N VAL C 233 2.94 -0.53 -15.67
CA VAL C 233 1.94 -0.27 -14.65
C VAL C 233 1.92 1.17 -14.18
N GLU C 234 3.09 1.80 -14.13
CA GLU C 234 3.14 3.20 -13.69
C GLU C 234 2.36 4.08 -14.68
N MET C 235 2.44 3.74 -15.96
CA MET C 235 1.73 4.48 -16.99
C MET C 235 0.24 4.17 -16.86
N VAL C 236 -0.09 2.88 -16.77
CA VAL C 236 -1.47 2.48 -16.63
C VAL C 236 -2.09 3.19 -15.43
N GLU C 237 -1.36 3.22 -14.32
CA GLU C 237 -1.86 3.87 -13.12
C GLU C 237 -2.18 5.35 -13.31
N SER C 238 -1.31 6.07 -14.01
CA SER C 238 -1.55 7.50 -14.22
C SER C 238 -2.85 7.68 -14.99
N ILE C 239 -3.10 6.78 -15.92
CA ILE C 239 -4.30 6.84 -16.75
C ILE C 239 -5.56 6.49 -15.95
N VAL C 240 -5.51 5.37 -15.24
CA VAL C 240 -6.64 4.92 -14.42
C VAL C 240 -6.99 5.93 -13.32
N LEU C 241 -6.01 6.33 -12.54
CA LEU C 241 -6.26 7.29 -11.47
C LEU C 241 -6.19 8.75 -11.91
N ASP C 242 -6.02 8.98 -13.22
CA ASP C 242 -5.95 10.33 -13.79
C ASP C 242 -4.98 11.21 -12.99
N ARG C 243 -3.80 10.68 -12.71
CA ARG C 243 -2.82 11.42 -11.92
C ARG C 243 -2.08 12.54 -12.64
N LYS C 244 -2.03 12.46 -13.96
CA LYS C 244 -1.34 13.47 -14.77
C LYS C 244 0.17 13.36 -14.57
N ARG C 245 0.67 12.13 -14.54
CA ARG C 245 2.12 11.91 -14.38
C ARG C 245 2.77 12.42 -15.67
N VAL C 246 4.05 12.79 -15.58
CA VAL C 246 4.78 13.22 -16.76
C VAL C 246 5.82 12.13 -16.97
N LEU C 247 5.59 11.28 -17.96
CA LEU C 247 6.48 10.17 -18.21
C LEU C 247 6.97 10.07 -19.66
N PRO C 248 8.23 9.67 -19.85
CA PRO C 248 8.74 9.53 -21.21
C PRO C 248 8.09 8.31 -21.85
N CYS C 249 7.27 8.54 -22.87
CA CYS C 249 6.56 7.47 -23.56
C CYS C 249 6.69 7.65 -25.07
N ALA C 250 6.34 6.60 -25.82
CA ALA C 250 6.40 6.65 -27.28
C ALA C 250 5.05 7.12 -27.83
N VAL C 251 5.01 8.36 -28.30
CA VAL C 251 3.78 8.93 -28.83
C VAL C 251 3.93 9.60 -30.19
N GLY C 252 2.84 9.62 -30.95
CA GLY C 252 2.86 10.24 -32.26
C GLY C 252 2.98 11.74 -32.12
N LEU C 253 4.12 12.29 -32.54
CA LEU C 253 4.34 13.73 -32.45
C LEU C 253 3.59 14.44 -33.55
N GLU C 254 3.70 15.77 -33.58
CA GLU C 254 3.04 16.55 -34.61
C GLU C 254 3.73 17.90 -34.78
N GLY C 255 5.06 17.91 -34.72
CA GLY C 255 5.79 19.15 -34.88
C GLY C 255 6.92 19.32 -33.90
N GLN C 256 6.62 19.19 -32.61
CA GLN C 256 7.63 19.33 -31.57
C GLN C 256 8.95 18.67 -31.94
N TYR C 257 10.04 19.29 -31.53
CA TYR C 257 11.38 18.79 -31.82
C TYR C 257 11.62 18.71 -33.32
N GLY C 258 10.82 19.44 -34.10
CA GLY C 258 10.96 19.44 -35.54
C GLY C 258 10.66 18.08 -36.13
N ILE C 259 9.83 17.31 -35.44
CA ILE C 259 9.45 15.98 -35.89
C ILE C 259 7.95 15.98 -36.13
N ASP C 260 7.52 15.39 -37.23
CA ASP C 260 6.11 15.39 -37.56
C ASP C 260 5.21 14.32 -36.96
N LYS C 261 4.82 13.34 -37.77
CA LYS C 261 3.90 12.29 -37.34
C LYS C 261 4.49 11.01 -36.75
N THR C 262 5.81 10.89 -36.78
CA THR C 262 6.44 9.68 -36.26
C THR C 262 6.38 9.55 -34.73
N PHE C 263 6.37 8.30 -34.27
CA PHE C 263 6.33 8.00 -32.86
C PHE C 263 7.73 8.05 -32.27
N VAL C 264 7.93 8.95 -31.32
CA VAL C 264 9.22 9.12 -30.67
C VAL C 264 9.02 9.17 -29.16
N GLY C 265 10.05 8.80 -28.40
CA GLY C 265 9.93 8.84 -26.96
C GLY C 265 10.18 10.23 -26.42
N VAL C 266 9.15 10.82 -25.82
CA VAL C 266 9.26 12.16 -25.24
C VAL C 266 8.39 12.27 -23.99
N PRO C 267 8.71 13.21 -23.09
CA PRO C 267 7.94 13.41 -21.86
C PRO C 267 6.52 13.84 -22.18
N VAL C 268 5.54 13.13 -21.64
CA VAL C 268 4.14 13.46 -21.89
C VAL C 268 3.33 13.34 -20.60
N LYS C 269 2.25 14.12 -20.51
CA LYS C 269 1.39 14.08 -19.35
C LYS C 269 0.30 13.05 -19.63
N LEU C 270 0.23 12.02 -18.79
CA LEU C 270 -0.76 10.95 -18.94
C LEU C 270 -1.95 11.10 -18.01
N GLY C 271 -3.15 11.10 -18.59
CA GLY C 271 -4.37 11.21 -17.81
C GLY C 271 -5.40 10.19 -18.29
N ARG C 272 -6.63 10.30 -17.83
CA ARG C 272 -7.65 9.33 -18.23
C ARG C 272 -7.94 9.36 -19.72
N ASN C 273 -7.51 10.42 -20.41
CA ASN C 273 -7.73 10.52 -21.85
C ASN C 273 -6.49 10.13 -22.64
N GLY C 274 -5.47 9.62 -21.95
CA GLY C 274 -4.25 9.21 -22.61
C GLY C 274 -3.22 10.32 -22.65
N VAL C 275 -2.65 10.57 -23.82
CA VAL C 275 -1.66 11.62 -23.97
C VAL C 275 -2.37 12.97 -23.91
N GLU C 276 -2.32 13.61 -22.74
CA GLU C 276 -2.99 14.89 -22.57
C GLU C 276 -2.07 16.09 -22.81
N GLN C 277 -0.79 15.82 -23.01
CA GLN C 277 0.14 16.90 -23.27
C GLN C 277 1.52 16.38 -23.65
N ILE C 278 2.10 16.98 -24.68
CA ILE C 278 3.44 16.59 -25.12
C ILE C 278 4.39 17.73 -24.79
N TYR C 279 5.36 17.44 -23.94
CA TYR C 279 6.33 18.45 -23.53
C TYR C 279 7.55 18.49 -24.45
N GLU C 280 7.80 19.66 -25.01
CA GLU C 280 8.93 19.86 -25.89
C GLU C 280 10.01 20.53 -25.05
N ILE C 281 10.94 19.72 -24.54
CA ILE C 281 12.00 20.24 -23.70
C ILE C 281 13.16 20.87 -24.49
N ASN C 282 13.84 21.82 -23.86
CA ASN C 282 14.94 22.53 -24.48
C ASN C 282 16.22 21.72 -24.57
N LEU C 283 16.24 20.79 -25.52
CA LEU C 283 17.40 19.93 -25.74
C LEU C 283 18.56 20.73 -26.33
N ASP C 284 19.78 20.20 -26.21
CA ASP C 284 20.93 20.86 -26.79
C ASP C 284 20.98 20.42 -28.25
N GLN C 285 21.72 21.15 -29.08
CA GLN C 285 21.84 20.85 -30.50
C GLN C 285 22.14 19.38 -30.81
N ALA C 286 23.08 18.78 -30.10
CA ALA C 286 23.43 17.38 -30.33
C ALA C 286 22.26 16.42 -30.08
N ASP C 287 21.62 16.54 -28.92
CA ASP C 287 20.49 15.67 -28.59
C ASP C 287 19.33 15.87 -29.54
N LEU C 288 19.05 17.12 -29.87
CA LEU C 288 17.95 17.42 -30.79
C LEU C 288 18.22 16.74 -32.12
N ASP C 289 19.49 16.70 -32.52
CA ASP C 289 19.86 16.07 -33.79
C ASP C 289 19.72 14.56 -33.75
N LEU C 290 20.10 13.95 -32.62
CA LEU C 290 19.98 12.50 -32.47
C LEU C 290 18.52 12.09 -32.55
N LEU C 291 17.66 12.87 -31.89
CA LEU C 291 16.23 12.60 -31.86
C LEU C 291 15.61 12.59 -33.26
N GLN C 292 15.83 13.66 -34.01
CA GLN C 292 15.29 13.76 -35.36
C GLN C 292 15.90 12.68 -36.24
N LYS C 293 17.18 12.43 -36.04
CA LYS C 293 17.92 11.43 -36.81
C LYS C 293 17.31 10.03 -36.65
N SER C 294 17.13 9.60 -35.41
CA SER C 294 16.54 8.29 -35.14
C SER C 294 15.10 8.27 -35.64
N ALA C 295 14.39 9.37 -35.43
CA ALA C 295 13.00 9.49 -35.88
C ALA C 295 12.93 9.17 -37.37
N LYS C 296 13.95 9.61 -38.10
CA LYS C 296 14.01 9.36 -39.54
C LYS C 296 14.11 7.86 -39.74
N ILE C 297 15.02 7.22 -39.01
CA ILE C 297 15.21 5.78 -39.10
C ILE C 297 13.86 5.09 -39.00
N VAL C 298 13.07 5.51 -38.02
CA VAL C 298 11.74 4.95 -37.81
C VAL C 298 10.86 5.12 -39.04
N ASP C 299 10.86 6.34 -39.59
CA ASP C 299 10.05 6.63 -40.77
C ASP C 299 10.41 5.70 -41.92
N GLU C 300 11.70 5.41 -42.04
CA GLU C 300 12.20 4.53 -43.10
C GLU C 300 11.72 3.09 -42.92
N ASN C 301 11.66 2.65 -41.67
CA ASN C 301 11.21 1.29 -41.37
C ASN C 301 9.70 1.13 -41.47
N CYS C 302 8.96 2.18 -41.13
CA CYS C 302 7.52 2.14 -41.21
C CYS C 302 7.09 2.16 -42.68
N LYS C 303 7.85 2.89 -43.49
CA LYS C 303 7.54 2.98 -44.91
C LYS C 303 7.55 1.60 -45.56
N MET C 304 8.58 0.81 -45.31
CA MET C 304 8.65 -0.52 -45.89
C MET C 304 7.85 -1.54 -45.09
N LEU C 305 6.65 -1.16 -44.69
CA LEU C 305 5.76 -2.03 -43.93
C LEU C 305 4.36 -1.97 -44.50
N GLU C 306 3.88 -0.84 -44.78
N MET D 1 11.78 -2.66 16.65
CA MET D 1 11.70 -1.19 16.41
C MET D 1 10.67 -0.56 17.33
N LYS D 2 11.13 0.31 18.23
CA LYS D 2 10.23 0.99 19.16
C LYS D 2 10.32 2.51 18.96
N ILE D 3 9.20 3.12 18.60
CA ILE D 3 9.16 4.56 18.38
C ILE D 3 8.27 5.24 19.43
N THR D 4 8.73 6.37 19.93
CA THR D 4 7.97 7.14 20.91
C THR D 4 7.66 8.52 20.36
N VAL D 5 6.40 8.91 20.42
CA VAL D 5 5.98 10.22 19.96
C VAL D 5 5.60 11.05 21.19
N ILE D 6 6.25 12.19 21.36
CA ILE D 6 5.97 13.08 22.48
C ILE D 6 5.03 14.16 22.00
N GLY D 7 3.87 14.24 22.62
CA GLY D 7 2.88 15.22 22.25
C GLY D 7 1.76 14.53 21.52
N ALA D 8 0.61 14.42 22.18
CA ALA D 8 -0.55 13.75 21.61
C ALA D 8 -1.55 14.73 21.02
N GLY D 9 -1.04 15.85 20.53
CA GLY D 9 -1.89 16.85 19.91
C GLY D 9 -2.15 16.49 18.46
N ASN D 10 -2.47 17.48 17.65
CA ASN D 10 -2.76 17.27 16.24
C ASN D 10 -1.63 16.63 15.41
N VAL D 11 -0.42 17.18 15.46
CA VAL D 11 0.66 16.59 14.67
C VAL D 11 1.13 15.26 15.26
N GLY D 12 1.31 15.22 16.57
CA GLY D 12 1.76 14.00 17.21
C GLY D 12 0.87 12.78 17.03
N ALA D 13 -0.43 12.95 17.22
CA ALA D 13 -1.36 11.83 17.07
C ALA D 13 -1.49 11.46 15.60
N THR D 14 -1.56 12.45 14.73
CA THR D 14 -1.67 12.17 13.31
C THR D 14 -0.46 11.35 12.88
N THR D 15 0.70 11.72 13.41
CA THR D 15 1.94 11.04 13.11
C THR D 15 1.93 9.60 13.62
N ALA D 16 1.57 9.43 14.89
CA ALA D 16 1.51 8.11 15.48
C ALA D 16 0.59 7.19 14.69
N PHE D 17 -0.58 7.70 14.32
CA PHE D 17 -1.54 6.91 13.57
C PHE D 17 -1.01 6.44 12.23
N ARG D 18 -0.35 7.34 11.50
CA ARG D 18 0.21 7.02 10.19
C ARG D 18 1.31 6.00 10.41
N LEU D 19 2.11 6.22 11.45
CA LEU D 19 3.19 5.31 11.80
C LEU D 19 2.65 3.91 12.10
N ALA D 20 1.54 3.87 12.84
CA ALA D 20 0.93 2.60 13.21
C ALA D 20 0.45 1.77 12.03
N GLU D 21 -0.24 2.40 11.08
CA GLU D 21 -0.72 1.61 9.96
C GLU D 21 0.35 1.24 8.95
N LYS D 22 1.42 2.05 8.89
CA LYS D 22 2.51 1.76 7.96
C LYS D 22 3.36 0.64 8.53
N GLN D 23 3.10 0.30 9.79
CA GLN D 23 3.83 -0.77 10.47
C GLN D 23 5.34 -0.58 10.41
N LEU D 24 5.78 0.64 10.67
CA LEU D 24 7.20 0.97 10.67
C LEU D 24 7.83 0.67 12.03
N ALA D 25 6.98 0.34 13.01
CA ALA D 25 7.44 0.01 14.36
C ALA D 25 6.50 -1.01 15.01
N ARG D 26 7.07 -1.96 15.75
CA ARG D 26 6.24 -2.96 16.40
C ARG D 26 5.60 -2.32 17.63
N GLU D 27 6.36 -1.45 18.29
CA GLU D 27 5.87 -0.74 19.47
C GLU D 27 5.91 0.75 19.21
N LEU D 28 4.79 1.41 19.49
CA LEU D 28 4.67 2.84 19.32
C LEU D 28 4.00 3.38 20.59
N VAL D 29 4.66 4.33 21.26
CA VAL D 29 4.10 4.89 22.48
C VAL D 29 3.89 6.39 22.35
N LEU D 30 2.64 6.80 22.60
CA LEU D 30 2.23 8.20 22.54
C LEU D 30 2.25 8.74 23.97
N LEU D 31 3.06 9.76 24.21
CA LEU D 31 3.13 10.33 25.56
C LEU D 31 2.77 11.80 25.55
N ASP D 32 2.09 12.23 26.61
CA ASP D 32 1.70 13.62 26.73
C ASP D 32 1.76 13.99 28.20
N VAL D 33 1.71 15.28 28.50
CA VAL D 33 1.76 15.70 29.88
C VAL D 33 0.33 15.68 30.45
N VAL D 34 -0.65 15.84 29.58
CA VAL D 34 -2.05 15.82 29.99
C VAL D 34 -2.54 14.37 30.11
N GLU D 35 -3.26 14.08 31.19
CA GLU D 35 -3.77 12.73 31.44
C GLU D 35 -4.94 12.37 30.55
N GLY D 36 -5.02 11.10 30.17
CA GLY D 36 -6.11 10.63 29.35
C GLY D 36 -6.02 10.80 27.84
N ILE D 37 -5.65 11.99 27.39
CA ILE D 37 -5.57 12.24 25.95
C ILE D 37 -4.74 11.18 25.20
N PRO D 38 -3.49 10.94 25.62
CA PRO D 38 -2.70 9.92 24.91
C PRO D 38 -3.27 8.50 25.03
N GLN D 39 -3.74 8.13 26.22
CA GLN D 39 -4.31 6.80 26.41
C GLN D 39 -5.51 6.67 25.49
N GLY D 40 -6.31 7.72 25.42
CA GLY D 40 -7.50 7.68 24.58
C GLY D 40 -7.21 7.62 23.08
N LYS D 41 -6.32 8.47 22.62
CA LYS D 41 -6.01 8.48 21.20
C LYS D 41 -5.36 7.18 20.77
N ALA D 42 -4.46 6.67 21.60
CA ALA D 42 -3.76 5.43 21.29
C ALA D 42 -4.72 4.27 21.19
N LEU D 43 -5.73 4.24 22.06
CA LEU D 43 -6.70 3.15 22.02
C LEU D 43 -7.52 3.26 20.75
N ASP D 44 -7.95 4.47 20.42
CA ASP D 44 -8.74 4.70 19.21
C ASP D 44 -7.94 4.15 18.01
N MET D 45 -6.65 4.51 17.93
CA MET D 45 -5.79 4.04 16.85
C MET D 45 -5.71 2.52 16.84
N TYR D 46 -5.32 1.93 17.98
CA TYR D 46 -5.22 0.49 18.05
C TYR D 46 -6.52 -0.19 17.60
N GLU D 47 -7.65 0.34 18.05
CA GLU D 47 -8.93 -0.25 17.66
C GLU D 47 -9.18 -0.13 16.16
N SER D 48 -8.36 0.67 15.47
CA SER D 48 -8.51 0.84 14.01
C SER D 48 -7.81 -0.30 13.28
N GLY D 49 -6.89 -0.96 13.99
CA GLY D 49 -6.10 -2.05 13.44
C GLY D 49 -6.85 -3.18 12.74
N PRO D 50 -8.01 -3.60 13.26
CA PRO D 50 -8.73 -4.69 12.60
C PRO D 50 -9.12 -4.29 11.19
N VAL D 51 -9.33 -3.00 10.99
CA VAL D 51 -9.72 -2.50 9.69
C VAL D 51 -8.54 -2.04 8.84
N GLY D 52 -7.57 -1.36 9.45
CA GLY D 52 -6.40 -0.90 8.71
C GLY D 52 -5.42 -2.04 8.47
N LEU D 53 -5.75 -3.20 9.02
CA LEU D 53 -4.93 -4.39 8.89
C LEU D 53 -3.51 -4.28 9.43
N PHE D 54 -3.37 -3.73 10.63
CA PHE D 54 -2.07 -3.63 11.25
C PHE D 54 -2.18 -4.12 12.68
N ASP D 55 -1.07 -4.60 13.24
CA ASP D 55 -1.07 -5.10 14.61
C ASP D 55 -0.14 -4.33 15.50
N THR D 56 0.31 -3.17 15.01
CA THR D 56 1.21 -2.32 15.77
C THR D 56 0.68 -2.11 17.18
N LYS D 57 1.53 -2.31 18.18
CA LYS D 57 1.12 -2.11 19.55
C LYS D 57 1.24 -0.63 19.90
N VAL D 58 0.14 0.10 19.79
CA VAL D 58 0.13 1.52 20.10
C VAL D 58 -0.43 1.74 21.50
N THR D 59 0.35 2.35 22.38
CA THR D 59 -0.12 2.60 23.72
C THR D 59 0.07 4.08 24.09
N GLY D 60 -0.84 4.59 24.91
CA GLY D 60 -0.78 5.97 25.35
C GLY D 60 -0.23 5.99 26.76
N SER D 61 0.45 7.06 27.14
CA SER D 61 1.02 7.11 28.47
C SER D 61 1.41 8.51 28.94
N ASN D 62 1.64 8.61 30.24
CA ASN D 62 2.05 9.86 30.86
C ASN D 62 3.29 9.53 31.66
N ASP D 63 3.80 8.32 31.48
CA ASP D 63 4.98 7.86 32.22
C ASP D 63 6.16 7.58 31.30
N TYR D 64 7.22 8.39 31.43
CA TYR D 64 8.40 8.21 30.60
C TYR D 64 9.02 6.83 30.70
N ALA D 65 8.64 6.09 31.74
CA ALA D 65 9.18 4.74 31.92
C ALA D 65 8.71 3.89 30.74
N ASP D 66 7.55 4.24 30.19
CA ASP D 66 7.00 3.51 29.04
C ASP D 66 7.75 3.78 27.73
N THR D 67 8.62 4.79 27.72
CA THR D 67 9.37 5.14 26.52
C THR D 67 10.75 4.49 26.51
N ALA D 68 11.09 3.81 27.59
CA ALA D 68 12.38 3.16 27.73
C ALA D 68 12.86 2.45 26.46
N ASN D 69 14.17 2.56 26.21
CA ASN D 69 14.80 1.92 25.06
C ASN D 69 14.12 2.20 23.72
N SER D 70 13.77 3.45 23.46
CA SER D 70 13.16 3.81 22.19
C SER D 70 14.27 4.00 21.15
N ASP D 71 14.02 3.56 19.92
CA ASP D 71 15.01 3.68 18.85
C ASP D 71 14.92 5.08 18.24
N ILE D 72 13.69 5.56 18.12
CA ILE D 72 13.42 6.88 17.57
C ILE D 72 12.41 7.58 18.49
N VAL D 73 12.65 8.86 18.73
CA VAL D 73 11.76 9.67 19.56
C VAL D 73 11.39 10.92 18.79
N ILE D 74 10.09 11.13 18.60
CA ILE D 74 9.60 12.30 17.89
C ILE D 74 9.03 13.31 18.89
N ILE D 75 9.61 14.51 18.93
CA ILE D 75 9.15 15.55 19.86
C ILE D 75 8.25 16.55 19.19
N THR D 76 6.95 16.47 19.49
CA THR D 76 5.99 17.39 18.91
C THR D 76 5.35 18.25 20.01
N ALA D 77 5.94 18.20 21.19
CA ALA D 77 5.43 18.94 22.35
C ALA D 77 5.69 20.43 22.28
N GLY D 78 4.63 21.22 22.46
CA GLY D 78 4.78 22.66 22.44
C GLY D 78 3.44 23.37 22.46
N LEU D 79 3.46 24.68 22.74
CA LEU D 79 2.25 25.47 22.78
C LEU D 79 1.68 25.59 21.38
N LEU D 90 7.10 32.47 22.70
CA LEU D 90 7.06 31.11 22.17
C LEU D 90 8.43 30.45 22.27
N LEU D 91 9.46 31.16 21.84
CA LEU D 91 10.82 30.64 21.90
C LEU D 91 11.14 30.15 23.31
N MET D 92 10.88 31.00 24.30
CA MET D 92 11.16 30.66 25.68
C MET D 92 10.32 29.52 26.24
N LYS D 93 9.02 29.54 25.99
CA LYS D 93 8.15 28.50 26.49
C LYS D 93 8.42 27.12 25.87
N ASN D 94 8.42 27.04 24.54
CA ASN D 94 8.70 25.77 23.89
C ASN D 94 10.11 25.29 24.19
N ALA D 95 11.04 26.22 24.43
CA ALA D 95 12.41 25.82 24.74
C ALA D 95 12.42 25.07 26.07
N GLY D 96 11.62 25.55 27.02
CA GLY D 96 11.55 24.89 28.32
C GLY D 96 10.92 23.53 28.15
N ILE D 97 9.86 23.47 27.35
CA ILE D 97 9.14 22.24 27.06
C ILE D 97 10.09 21.23 26.42
N VAL D 98 10.72 21.62 25.31
CA VAL D 98 11.66 20.75 24.61
C VAL D 98 12.80 20.35 25.54
N LYS D 99 13.19 21.28 26.42
CA LYS D 99 14.27 20.96 27.35
C LYS D 99 13.80 19.86 28.30
N GLU D 100 12.62 20.07 28.89
CA GLU D 100 12.08 19.09 29.83
C GLU D 100 11.88 17.72 29.18
N VAL D 101 11.28 17.71 27.99
CA VAL D 101 11.05 16.46 27.28
C VAL D 101 12.35 15.71 27.03
N THR D 102 13.33 16.40 26.46
CA THR D 102 14.61 15.77 26.15
C THR D 102 15.30 15.17 27.36
N ASP D 103 15.36 15.90 28.47
CA ASP D 103 16.01 15.36 29.66
C ASP D 103 15.29 14.09 30.13
N ASN D 104 13.96 14.06 29.95
CA ASN D 104 13.17 12.90 30.35
C ASN D 104 13.41 11.68 29.45
N ILE D 105 13.37 11.86 28.13
CA ILE D 105 13.59 10.72 27.26
C ILE D 105 14.98 10.14 27.48
N MET D 106 15.98 11.00 27.64
CA MET D 106 17.35 10.53 27.84
C MET D 106 17.49 9.72 29.13
N LYS D 107 16.57 9.91 30.08
CA LYS D 107 16.64 9.14 31.33
C LYS D 107 16.21 7.70 31.12
N HIS D 108 15.56 7.42 30.00
CA HIS D 108 15.08 6.06 29.74
C HIS D 108 15.54 5.45 28.40
N SER D 109 16.15 6.26 27.55
CA SER D 109 16.64 5.81 26.24
C SER D 109 18.06 6.34 26.08
N LYS D 110 19.02 5.42 25.97
CA LYS D 110 20.43 5.79 25.86
C LYS D 110 20.92 6.27 24.50
N ASN D 111 20.38 5.73 23.43
CA ASN D 111 20.87 6.12 22.11
C ASN D 111 19.83 6.19 21.01
N PRO D 112 18.78 7.02 21.19
CA PRO D 112 17.78 7.08 20.12
C PRO D 112 18.18 8.11 19.08
N ILE D 113 17.37 8.18 18.03
CA ILE D 113 17.52 9.18 16.99
C ILE D 113 16.35 10.09 17.33
N ILE D 114 16.63 11.38 17.55
CA ILE D 114 15.57 12.30 17.90
C ILE D 114 15.16 13.20 16.75
N ILE D 115 13.88 13.20 16.44
CA ILE D 115 13.35 14.05 15.38
C ILE D 115 12.49 15.11 16.06
N VAL D 116 12.89 16.37 15.93
CA VAL D 116 12.18 17.48 16.54
C VAL D 116 11.28 18.16 15.52
N VAL D 117 10.07 18.50 15.95
CA VAL D 117 9.11 19.18 15.09
C VAL D 117 8.60 20.44 15.78
N SER D 118 8.74 20.51 17.11
CA SER D 118 8.29 21.65 17.90
C SER D 118 8.92 22.96 17.44
N ASN D 119 8.09 23.95 17.13
CA ASN D 119 8.57 25.27 16.70
C ASN D 119 9.04 26.13 17.89
N PRO D 120 9.99 27.05 17.66
CA PRO D 120 10.66 27.35 16.38
C PRO D 120 11.63 26.19 16.12
N LEU D 121 11.41 25.49 15.01
CA LEU D 121 12.19 24.30 14.66
C LEU D 121 13.70 24.27 14.81
N ASP D 122 14.40 24.99 13.94
CA ASP D 122 15.87 24.99 13.98
C ASP D 122 16.41 25.19 15.38
N ILE D 123 15.83 26.16 16.09
CA ILE D 123 16.25 26.46 17.46
C ILE D 123 15.92 25.31 18.41
N MET D 124 14.70 24.80 18.34
CA MET D 124 14.31 23.70 19.22
C MET D 124 15.19 22.47 18.96
N THR D 125 15.47 22.20 17.68
CA THR D 125 16.29 21.06 17.31
C THR D 125 17.65 21.16 18.02
N HIS D 126 18.18 22.38 18.08
CA HIS D 126 19.45 22.65 18.73
C HIS D 126 19.34 22.38 20.24
N VAL D 127 18.24 22.83 20.84
CA VAL D 127 18.02 22.62 22.27
C VAL D 127 18.00 21.13 22.59
N ALA D 128 17.24 20.37 21.83
CA ALA D 128 17.16 18.93 22.04
C ALA D 128 18.55 18.34 21.90
N TRP D 129 19.28 18.80 20.89
CA TRP D 129 20.62 18.27 20.67
C TRP D 129 21.53 18.44 21.87
N VAL D 130 21.65 19.67 22.37
CA VAL D 130 22.52 19.93 23.52
C VAL D 130 22.07 19.19 24.76
N ARG D 131 20.76 19.14 25.01
CA ARG D 131 20.24 18.44 26.18
C ARG D 131 20.53 16.94 26.11
N SER D 132 20.24 16.34 24.94
CA SER D 132 20.45 14.91 24.75
C SER D 132 21.87 14.41 24.94
N GLY D 133 22.84 15.25 24.61
CA GLY D 133 24.23 14.82 24.73
C GLY D 133 24.58 13.82 23.65
N LEU D 134 23.73 13.70 22.64
CA LEU D 134 23.97 12.76 21.55
C LEU D 134 24.76 13.41 20.39
N PRO D 135 25.38 12.57 19.53
CA PRO D 135 26.13 13.12 18.39
C PRO D 135 25.10 13.81 17.51
N LYS D 136 25.45 14.96 16.95
CA LYS D 136 24.49 15.69 16.12
C LYS D 136 23.91 14.92 14.95
N GLU D 137 24.56 13.82 14.56
CA GLU D 137 24.03 13.00 13.47
C GLU D 137 22.71 12.31 13.88
N ARG D 138 22.45 12.23 15.18
CA ARG D 138 21.23 11.57 15.68
C ARG D 138 20.11 12.50 16.17
N VAL D 139 20.26 13.80 15.92
CA VAL D 139 19.25 14.77 16.32
C VAL D 139 18.98 15.69 15.14
N ILE D 140 17.81 15.54 14.54
CA ILE D 140 17.42 16.33 13.39
C ILE D 140 16.02 16.93 13.55
N GLY D 141 15.74 17.97 12.77
CA GLY D 141 14.44 18.60 12.83
C GLY D 141 13.73 18.55 11.49
N MET D 142 12.40 18.46 11.54
CA MET D 142 11.56 18.44 10.35
C MET D 142 11.09 19.85 10.04
N ALA D 143 11.17 20.24 8.77
CA ALA D 143 10.75 21.56 8.31
C ALA D 143 10.81 21.62 6.79
N GLY D 144 12.01 21.45 6.24
CA GLY D 144 12.19 21.50 4.79
C GLY D 144 11.27 20.60 3.99
N VAL D 145 11.07 19.37 4.46
CA VAL D 145 10.21 18.42 3.76
C VAL D 145 8.82 19.02 3.59
N LEU D 146 8.33 19.65 4.64
CA LEU D 146 7.00 20.26 4.61
C LEU D 146 6.98 21.46 3.66
N ASP D 147 7.99 22.31 3.73
CA ASP D 147 8.01 23.46 2.84
C ASP D 147 8.07 22.98 1.39
N ALA D 148 8.92 21.99 1.14
CA ALA D 148 9.05 21.43 -0.21
C ALA D 148 7.71 20.86 -0.67
N ALA D 149 7.02 20.19 0.24
CA ALA D 149 5.72 19.60 -0.08
C ALA D 149 4.73 20.70 -0.49
N ARG D 150 4.72 21.80 0.25
CA ARG D 150 3.81 22.88 -0.10
C ARG D 150 4.20 23.46 -1.45
N PHE D 151 5.49 23.77 -1.61
CA PHE D 151 6.00 24.34 -2.86
C PHE D 151 5.54 23.43 -4.00
N ARG D 152 5.66 22.12 -3.78
CA ARG D 152 5.27 21.14 -4.78
C ARG D 152 3.78 21.12 -5.14
N SER D 153 2.91 21.27 -4.14
CA SER D 153 1.47 21.24 -4.41
C SER D 153 1.01 22.47 -5.21
N PHE D 154 1.68 23.58 -5.00
CA PHE D 154 1.36 24.83 -5.69
C PHE D 154 1.78 24.73 -7.15
N ILE D 155 2.99 24.21 -7.39
CA ILE D 155 3.47 24.04 -8.75
C ILE D 155 2.50 23.08 -9.45
N ALA D 156 2.11 22.03 -8.74
CA ALA D 156 1.18 21.05 -9.30
C ALA D 156 -0.12 21.72 -9.70
N MET D 157 -0.55 22.70 -8.91
CA MET D 157 -1.79 23.41 -9.22
C MET D 157 -1.60 24.32 -10.43
N GLU D 158 -0.41 24.89 -10.52
CA GLU D 158 -0.05 25.81 -11.59
C GLU D 158 0.11 25.14 -12.95
N LEU D 159 0.78 23.99 -12.96
CA LEU D 159 1.03 23.25 -14.20
C LEU D 159 0.13 22.06 -14.46
N GLY D 160 -0.72 21.71 -13.50
CA GLY D 160 -1.63 20.58 -13.69
C GLY D 160 -0.96 19.22 -13.82
N VAL D 161 0.15 19.01 -13.12
CA VAL D 161 0.83 17.73 -13.18
C VAL D 161 0.86 17.08 -11.81
N SER D 162 1.25 15.81 -11.78
CA SER D 162 1.35 15.03 -10.56
C SER D 162 2.43 15.56 -9.64
N MET D 163 2.14 15.59 -8.35
CA MET D 163 3.09 16.09 -7.38
C MET D 163 4.31 15.19 -7.27
N GLN D 164 4.16 13.93 -7.68
CA GLN D 164 5.26 12.98 -7.61
C GLN D 164 6.38 13.31 -8.59
N ASP D 165 6.04 14.06 -9.64
CA ASP D 165 7.02 14.43 -10.66
C ASP D 165 7.55 15.85 -10.49
N ILE D 166 7.40 16.38 -9.28
CA ILE D 166 7.89 17.72 -8.98
C ILE D 166 8.88 17.64 -7.84
N ASN D 167 10.05 18.27 -8.02
CA ASN D 167 11.07 18.32 -6.98
C ASN D 167 11.22 19.78 -6.59
N ALA D 168 11.10 20.07 -5.29
CA ALA D 168 11.24 21.43 -4.82
C ALA D 168 12.39 21.49 -3.83
N CYS D 169 13.36 22.34 -4.13
CA CYS D 169 14.51 22.48 -3.26
C CYS D 169 14.23 23.62 -2.29
N VAL D 170 14.30 23.33 -1.01
CA VAL D 170 14.05 24.35 0.00
C VAL D 170 15.04 24.20 1.14
N LEU D 171 15.85 25.24 1.34
CA LEU D 171 16.82 25.23 2.42
C LEU D 171 16.38 26.28 3.44
N GLY D 172 17.08 26.37 4.56
CA GLY D 172 16.73 27.36 5.58
C GLY D 172 15.56 27.00 6.48
N GLY D 173 15.16 27.96 7.30
CA GLY D 173 14.05 27.72 8.23
C GLY D 173 12.72 28.06 7.60
N HIS D 174 11.76 28.46 8.42
CA HIS D 174 10.43 28.82 7.95
C HIS D 174 10.32 30.33 7.67
N GLY D 175 9.32 30.70 6.88
CA GLY D 175 9.09 32.10 6.56
C GLY D 175 10.26 32.84 5.93
N ASP D 176 10.49 34.05 6.41
CA ASP D 176 11.56 34.90 5.92
C ASP D 176 12.92 34.20 5.85
N ALA D 177 13.16 33.28 6.76
CA ALA D 177 14.44 32.56 6.79
C ALA D 177 14.46 31.40 5.81
N MET D 178 13.32 31.14 5.18
CA MET D 178 13.22 30.04 4.23
C MET D 178 13.96 30.38 2.93
N VAL D 179 14.69 29.41 2.39
CA VAL D 179 15.44 29.63 1.18
C VAL D 179 15.16 28.61 0.07
N PRO D 180 14.10 28.82 -0.70
CA PRO D 180 13.80 27.87 -1.78
C PRO D 180 14.82 28.10 -2.90
N VAL D 181 15.39 27.04 -3.44
CA VAL D 181 16.37 27.15 -4.51
C VAL D 181 15.70 26.87 -5.85
N VAL D 182 15.35 27.92 -6.58
CA VAL D 182 14.66 27.78 -7.86
C VAL D 182 15.37 26.95 -8.94
N LYS D 183 16.68 27.09 -9.06
CA LYS D 183 17.45 26.35 -10.05
C LYS D 183 17.35 24.83 -9.86
N TYR D 184 17.11 24.40 -8.63
CA TYR D 184 17.01 22.98 -8.30
C TYR D 184 15.57 22.56 -8.01
N THR D 185 14.62 23.32 -8.54
CA THR D 185 13.21 23.03 -8.38
C THR D 185 12.75 22.65 -9.78
N THR D 186 12.26 21.44 -9.94
CA THR D 186 11.86 20.95 -11.26
C THR D 186 10.58 20.14 -11.40
N VAL D 187 10.20 19.93 -12.65
CA VAL D 187 9.05 19.14 -13.02
C VAL D 187 9.64 18.14 -14.02
N ALA D 188 9.71 16.88 -13.62
CA ALA D 188 10.27 15.83 -14.48
C ALA D 188 11.68 16.19 -14.91
N GLY D 189 12.43 16.79 -14.00
CA GLY D 189 13.81 17.18 -14.27
C GLY D 189 13.98 18.53 -14.97
N ILE D 190 12.90 19.12 -15.42
CA ILE D 190 12.93 20.41 -16.11
C ILE D 190 12.83 21.58 -15.11
N PRO D 191 13.83 22.47 -15.05
CA PRO D 191 13.74 23.59 -14.10
C PRO D 191 12.44 24.38 -14.30
N ILE D 192 11.85 24.84 -13.21
CA ILE D 192 10.60 25.58 -13.29
C ILE D 192 10.74 26.90 -14.04
N SER D 193 11.92 27.52 -13.96
CA SER D 193 12.13 28.79 -14.64
C SER D 193 12.02 28.61 -16.16
N ASP D 194 11.91 27.35 -16.58
CA ASP D 194 11.79 27.00 -17.99
C ASP D 194 10.32 26.81 -18.32
N LEU D 195 9.50 26.67 -17.28
CA LEU D 195 8.08 26.42 -17.48
C LEU D 195 7.17 27.56 -17.02
N LEU D 196 7.67 28.44 -16.17
CA LEU D 196 6.82 29.51 -15.68
C LEU D 196 7.46 30.89 -15.66
N PRO D 197 6.63 31.94 -15.79
CA PRO D 197 7.11 33.32 -15.78
C PRO D 197 7.71 33.61 -14.41
N ALA D 198 8.88 34.24 -14.39
CA ALA D 198 9.56 34.55 -13.14
C ALA D 198 8.65 35.22 -12.12
N GLU D 199 7.56 35.84 -12.59
CA GLU D 199 6.61 36.51 -11.71
C GLU D 199 5.75 35.49 -10.96
N THR D 200 5.34 34.44 -11.67
CA THR D 200 4.53 33.39 -11.07
C THR D 200 5.38 32.60 -10.09
N ILE D 201 6.66 32.44 -10.42
CA ILE D 201 7.57 31.69 -9.57
C ILE D 201 7.74 32.44 -8.25
N ASP D 202 7.69 33.77 -8.32
CA ASP D 202 7.85 34.57 -7.11
C ASP D 202 6.66 34.37 -6.17
N LYS D 203 5.45 34.33 -6.73
CA LYS D 203 4.26 34.15 -5.89
C LYS D 203 4.26 32.76 -5.28
N LEU D 204 4.49 31.74 -6.10
CA LEU D 204 4.52 30.37 -5.60
C LEU D 204 5.50 30.29 -4.44
N VAL D 205 6.63 30.98 -4.60
CA VAL D 205 7.65 31.01 -3.56
C VAL D 205 7.13 31.69 -2.31
N GLU D 206 6.49 32.83 -2.48
CA GLU D 206 5.97 33.58 -1.34
C GLU D 206 4.86 32.82 -0.65
N ARG D 207 4.01 32.16 -1.42
CA ARG D 207 2.93 31.39 -0.83
C ARG D 207 3.54 30.27 0.01
N THR D 208 4.68 29.75 -0.42
CA THR D 208 5.35 28.68 0.31
C THR D 208 5.91 29.23 1.63
N ARG D 209 6.44 30.45 1.58
CA ARG D 209 7.00 31.08 2.76
C ARG D 209 5.94 31.26 3.84
N ASN D 210 4.73 31.63 3.41
CA ASN D 210 3.63 31.87 4.34
C ASN D 210 2.65 30.71 4.38
N GLY D 211 3.07 29.54 3.91
CA GLY D 211 2.20 28.38 3.90
C GLY D 211 1.59 27.99 5.24
N GLY D 212 2.41 28.00 6.29
CA GLY D 212 1.92 27.65 7.61
C GLY D 212 0.87 28.61 8.13
N ALA D 213 1.03 29.89 7.82
CA ALA D 213 0.09 30.91 8.24
C ALA D 213 -1.21 30.81 7.46
N GLU D 214 -1.12 30.33 6.22
CA GLU D 214 -2.30 30.19 5.38
C GLU D 214 -3.26 29.17 5.99
N ILE D 215 -2.71 28.10 6.54
CA ILE D 215 -3.55 27.06 7.15
C ILE D 215 -4.11 27.59 8.46
N VAL D 216 -3.26 28.20 9.28
CA VAL D 216 -3.66 28.76 10.56
C VAL D 216 -4.87 29.68 10.38
N GLU D 217 -4.74 30.62 9.46
CA GLU D 217 -5.81 31.57 9.18
C GLU D 217 -7.13 30.86 8.95
N HIS D 218 -7.09 29.78 8.17
CA HIS D 218 -8.29 29.02 7.87
C HIS D 218 -8.82 28.27 9.09
N LEU D 219 -7.92 27.59 9.80
CA LEU D 219 -8.29 26.82 10.98
C LEU D 219 -8.78 27.70 12.14
N LYS D 220 -8.21 28.90 12.25
CA LYS D 220 -8.58 29.85 13.30
C LYS D 220 -8.08 29.39 14.66
N GLN D 221 -7.99 28.08 14.85
CA GLN D 221 -7.51 27.50 16.09
C GLN D 221 -6.47 26.43 15.74
N GLY D 222 -5.29 26.51 16.33
CA GLY D 222 -4.25 25.54 16.05
C GLY D 222 -3.50 25.74 14.74
N SER D 223 -2.81 24.70 14.29
CA SER D 223 -2.04 24.75 13.06
C SER D 223 -2.20 23.51 12.18
N ALA D 224 -1.54 23.53 11.02
CA ALA D 224 -1.60 22.40 10.10
C ALA D 224 -0.99 21.17 10.75
N PHE D 225 -1.44 19.99 10.33
CA PHE D 225 -0.89 18.76 10.89
C PHE D 225 -0.84 17.59 9.93
N TYR D 226 -1.69 17.58 8.90
CA TYR D 226 -1.68 16.46 7.95
C TYR D 226 -0.38 16.45 7.10
N ALA D 227 0.01 17.60 6.56
CA ALA D 227 1.25 17.66 5.78
C ALA D 227 2.43 17.50 6.73
N PRO D 228 2.40 18.21 7.89
CA PRO D 228 3.51 18.08 8.82
C PRO D 228 3.71 16.62 9.25
N ALA D 229 2.61 15.94 9.56
CA ALA D 229 2.69 14.55 9.99
C ALA D 229 3.26 13.66 8.88
N SER D 230 2.75 13.86 7.66
CA SER D 230 3.21 13.07 6.53
C SER D 230 4.70 13.29 6.31
N SER D 231 5.14 14.55 6.45
CA SER D 231 6.55 14.91 6.28
C SER D 231 7.43 14.20 7.30
N VAL D 232 7.01 14.20 8.55
CA VAL D 232 7.76 13.55 9.60
C VAL D 232 7.92 12.06 9.32
N VAL D 233 6.84 11.41 8.88
CA VAL D 233 6.85 9.99 8.62
C VAL D 233 7.78 9.62 7.47
N GLU D 234 7.87 10.48 6.47
CA GLU D 234 8.75 10.19 5.35
C GLU D 234 10.19 10.09 5.86
N MET D 235 10.53 10.98 6.79
CA MET D 235 11.85 10.99 7.40
C MET D 235 12.05 9.73 8.24
N VAL D 236 11.04 9.40 9.06
CA VAL D 236 11.11 8.22 9.92
C VAL D 236 11.33 6.98 9.05
N GLU D 237 10.56 6.87 7.98
CA GLU D 237 10.67 5.75 7.08
C GLU D 237 12.07 5.57 6.46
N SER D 238 12.69 6.66 6.04
CA SER D 238 14.01 6.58 5.45
C SER D 238 14.97 5.98 6.47
N ILE D 239 14.81 6.40 7.72
CA ILE D 239 15.67 5.89 8.79
C ILE D 239 15.37 4.42 9.13
N VAL D 240 14.10 4.11 9.32
CA VAL D 240 13.69 2.76 9.68
C VAL D 240 14.01 1.71 8.58
N LEU D 241 13.72 2.06 7.34
CA LEU D 241 13.97 1.18 6.22
C LEU D 241 15.35 1.43 5.57
N ASP D 242 16.15 2.29 6.20
CA ASP D 242 17.50 2.62 5.70
C ASP D 242 17.48 2.89 4.19
N ARG D 243 16.58 3.77 3.77
CA ARG D 243 16.43 4.09 2.36
C ARG D 243 17.45 5.04 1.72
N LYS D 244 18.11 5.83 2.56
CA LYS D 244 19.09 6.80 2.08
C LYS D 244 18.40 7.89 1.27
N ARG D 245 17.20 8.30 1.70
CA ARG D 245 16.49 9.36 1.00
C ARG D 245 17.34 10.62 1.16
N VAL D 246 17.19 11.56 0.23
CA VAL D 246 17.90 12.83 0.32
C VAL D 246 16.79 13.82 0.61
N LEU D 247 16.73 14.31 1.84
CA LEU D 247 15.69 15.23 2.27
C LEU D 247 16.22 16.42 3.05
N PRO D 248 15.62 17.59 2.86
CA PRO D 248 16.07 18.78 3.57
C PRO D 248 15.52 18.72 4.99
N CYS D 249 16.40 18.73 5.98
CA CYS D 249 16.02 18.69 7.39
C CYS D 249 16.90 19.67 8.13
N ALA D 250 16.57 19.94 9.38
CA ALA D 250 17.38 20.84 10.19
C ALA D 250 18.47 20.02 10.86
N VAL D 251 19.72 20.35 10.57
CA VAL D 251 20.85 19.64 11.13
C VAL D 251 22.00 20.59 11.50
N GLY D 252 22.90 20.13 12.34
CA GLY D 252 24.02 20.96 12.75
C GLY D 252 25.11 21.00 11.69
N LEU D 253 25.46 22.21 11.24
CA LEU D 253 26.50 22.37 10.22
C LEU D 253 27.86 22.53 10.85
N GLU D 254 28.90 22.18 10.08
CA GLU D 254 30.27 22.27 10.56
C GLU D 254 31.13 22.97 9.51
N GLY D 255 30.56 23.97 8.83
CA GLY D 255 31.30 24.70 7.82
C GLY D 255 30.62 24.81 6.47
N GLN D 256 29.89 23.77 6.10
CA GLN D 256 29.18 23.76 4.84
C GLN D 256 28.41 25.06 4.71
N TYR D 257 28.38 25.63 3.50
CA TYR D 257 27.69 26.89 3.24
C TYR D 257 28.31 28.08 3.97
N GLY D 258 29.49 27.88 4.55
CA GLY D 258 30.13 28.96 5.27
C GLY D 258 29.41 29.21 6.59
N ILE D 259 28.75 28.17 7.10
CA ILE D 259 28.02 28.25 8.35
C ILE D 259 28.53 27.14 9.26
N ASP D 260 28.83 27.49 10.51
CA ASP D 260 29.35 26.50 11.45
C ASP D 260 28.54 26.48 12.75
N LYS D 261 28.44 25.30 13.36
CA LYS D 261 27.72 25.09 14.61
C LYS D 261 26.20 25.12 14.51
N THR D 262 25.66 26.24 14.06
CA THR D 262 24.22 26.43 13.95
C THR D 262 23.42 25.39 13.16
N PHE D 263 22.21 25.11 13.65
CA PHE D 263 21.31 24.17 12.98
C PHE D 263 20.58 24.91 11.88
N VAL D 264 20.55 24.29 10.70
CA VAL D 264 19.94 24.87 9.51
C VAL D 264 19.38 23.79 8.59
N GLY D 265 18.34 24.14 7.83
CA GLY D 265 17.73 23.21 6.91
C GLY D 265 18.62 23.04 5.67
N VAL D 266 19.09 21.82 5.44
CA VAL D 266 19.95 21.50 4.29
C VAL D 266 19.66 20.06 3.84
N PRO D 267 20.01 19.73 2.59
CA PRO D 267 19.76 18.37 2.11
C PRO D 267 20.66 17.38 2.81
N VAL D 268 20.09 16.29 3.31
CA VAL D 268 20.88 15.26 3.99
C VAL D 268 20.43 13.87 3.61
N LYS D 269 21.35 12.92 3.71
CA LYS D 269 21.07 11.54 3.40
C LYS D 269 20.72 10.85 4.70
N LEU D 270 19.47 10.43 4.81
CA LEU D 270 18.95 9.80 6.01
C LEU D 270 18.97 8.28 5.91
N GLY D 271 19.62 7.65 6.88
CA GLY D 271 19.68 6.21 6.92
C GLY D 271 19.45 5.71 8.34
N ARG D 272 19.71 4.42 8.57
CA ARG D 272 19.52 3.83 9.88
C ARG D 272 20.42 4.47 10.93
N ASN D 273 21.44 5.20 10.50
CA ASN D 273 22.34 5.84 11.45
C ASN D 273 22.05 7.33 11.58
N GLY D 274 20.90 7.76 11.07
CA GLY D 274 20.56 9.17 11.13
C GLY D 274 21.12 9.95 9.96
N VAL D 275 21.78 11.07 10.22
CA VAL D 275 22.37 11.89 9.16
C VAL D 275 23.65 11.19 8.71
N GLU D 276 23.64 10.60 7.53
CA GLU D 276 24.83 9.90 7.06
C GLU D 276 25.62 10.73 6.06
N GLN D 277 25.05 11.87 5.67
CA GLN D 277 25.72 12.77 4.76
C GLN D 277 24.97 14.10 4.64
N ILE D 278 25.74 15.19 4.67
CA ILE D 278 25.18 16.53 4.53
C ILE D 278 25.58 17.03 3.14
N TYR D 279 24.59 17.44 2.35
CA TYR D 279 24.86 17.93 1.01
C TYR D 279 25.02 19.43 0.95
N GLU D 280 26.07 19.86 0.27
CA GLU D 280 26.36 21.27 0.11
C GLU D 280 26.16 21.62 -1.35
N ILE D 281 24.99 22.16 -1.70
CA ILE D 281 24.70 22.52 -3.08
C ILE D 281 25.17 23.94 -3.40
N ASN D 282 25.56 24.16 -4.65
CA ASN D 282 26.04 25.46 -5.10
C ASN D 282 24.94 26.50 -5.17
N LEU D 283 24.85 27.32 -4.13
CA LEU D 283 23.84 28.38 -4.06
C LEU D 283 24.42 29.67 -4.64
N ASP D 284 23.58 30.44 -5.33
CA ASP D 284 24.03 31.70 -5.90
C ASP D 284 24.15 32.69 -4.75
N GLN D 285 24.84 33.81 -5.00
CA GLN D 285 25.07 34.85 -4.01
C GLN D 285 23.85 35.23 -3.17
N ALA D 286 22.71 35.42 -3.81
CA ALA D 286 21.48 35.81 -3.11
C ALA D 286 20.99 34.77 -2.10
N ASP D 287 20.94 33.51 -2.52
CA ASP D 287 20.48 32.42 -1.64
C ASP D 287 21.46 32.08 -0.53
N LEU D 288 22.76 32.16 -0.82
CA LEU D 288 23.78 31.86 0.17
C LEU D 288 23.76 32.95 1.24
N ASP D 289 23.52 34.18 0.80
CA ASP D 289 23.48 35.29 1.74
C ASP D 289 22.34 35.07 2.72
N LEU D 290 21.15 34.80 2.17
CA LEU D 290 19.96 34.55 2.99
C LEU D 290 20.23 33.42 3.97
N LEU D 291 20.60 32.26 3.45
CA LEU D 291 20.87 31.11 4.29
C LEU D 291 21.77 31.48 5.47
N GLN D 292 22.89 32.14 5.19
CA GLN D 292 23.81 32.54 6.24
C GLN D 292 23.17 33.55 7.19
N LYS D 293 22.39 34.47 6.64
CA LYS D 293 21.70 35.50 7.43
C LYS D 293 20.83 34.82 8.49
N SER D 294 20.03 33.88 8.04
CA SER D 294 19.12 33.14 8.91
C SER D 294 19.88 32.33 9.95
N ALA D 295 20.98 31.70 9.52
CA ALA D 295 21.77 30.89 10.41
C ALA D 295 22.22 31.71 11.61
N LYS D 296 22.59 32.97 11.36
CA LYS D 296 23.03 33.85 12.43
C LYS D 296 21.87 34.22 13.35
N ILE D 297 20.67 34.31 12.78
CA ILE D 297 19.48 34.63 13.56
C ILE D 297 19.22 33.47 14.51
N VAL D 298 19.22 32.26 13.96
CA VAL D 298 19.01 31.04 14.73
C VAL D 298 20.11 30.95 15.77
N ASP D 299 21.29 31.46 15.41
CA ASP D 299 22.43 31.43 16.29
C ASP D 299 22.33 32.39 17.47
N GLU D 300 21.75 33.57 17.23
CA GLU D 300 21.60 34.54 18.31
C GLU D 300 20.66 33.95 19.35
N ASN D 301 19.49 33.52 18.89
CA ASN D 301 18.49 32.93 19.77
C ASN D 301 19.06 31.81 20.63
N CYS D 302 19.77 30.88 20.02
CA CYS D 302 20.35 29.79 20.80
C CYS D 302 21.29 30.34 21.86
N LYS D 303 21.97 31.44 21.54
CA LYS D 303 22.88 32.09 22.46
C LYS D 303 22.13 32.58 23.71
N MET D 304 21.06 33.33 23.47
CA MET D 304 20.25 33.89 24.54
C MET D 304 19.52 32.85 25.37
N LEU D 305 19.52 31.59 24.90
CA LEU D 305 18.87 30.51 25.62
C LEU D 305 19.87 29.83 26.55
N GLU D 306 21.05 29.73 26.17
PA NAD E . -17.15 17.09 15.50
O1A NAD E . -17.93 17.93 16.42
O2A NAD E . -15.62 17.12 15.53
O5B NAD E . -17.47 17.44 13.94
C5B NAD E . -18.84 17.64 13.44
C4B NAD E . -18.70 18.68 12.34
O4B NAD E . -20.11 18.90 11.84
C3B NAD E . -18.27 20.12 12.83
O3B NAD E . -17.04 20.52 12.06
C2B NAD E . -19.41 21.06 12.58
O2B NAD E . -19.22 22.37 12.30
C1B NAD E . -20.18 20.26 11.48
N9A NAD E . -21.58 20.60 11.43
C8A NAD E . -22.57 20.84 12.35
N7A NAD E . -23.77 21.14 11.86
C5A NAD E . -23.63 21.10 10.53
C6A NAD E . -24.61 21.33 9.41
N6A NAD E . -25.87 21.64 9.59
N1A NAD E . -24.02 21.18 8.19
C2A NAD E . -22.76 20.87 7.87
N3A NAD E . -21.79 20.64 8.89
C4A NAD E . -22.29 20.76 10.20
O3 NAD E . -17.56 15.60 15.59
PN NAD E . -17.10 14.17 15.19
O1N NAD E . -16.28 13.58 16.27
O2N NAD E . -16.44 14.26 13.85
O5D NAD E . -18.39 13.19 15.12
C5D NAD E . -19.35 13.61 14.07
C4D NAD E . -20.65 12.92 14.32
O4D NAD E . -20.51 11.43 14.16
C3D NAD E . -21.29 13.05 15.75
O3D NAD E . -22.71 13.26 15.63
C2D NAD E . -20.97 11.74 16.51
O2D NAD E . -21.83 11.41 17.58
C1D NAD E . -21.02 10.70 15.35
N1N NAD E . -20.22 9.39 15.44
C2N NAD E . -20.80 8.19 15.08
C3N NAD E . -20.05 7.05 15.17
C7N NAD E . -20.67 5.72 14.77
O7N NAD E . -20.63 4.67 15.40
N7N NAD E . -21.35 5.79 13.52
C4N NAD E . -18.65 7.03 15.63
C5N NAD E . -18.16 8.31 15.99
C6N NAD E . -18.85 9.47 15.91
PA NAD F . 11.21 -24.00 -10.82
O1A NAD F . 11.56 -25.22 -11.56
O2A NAD F . 10.68 -22.78 -11.54
O5B NAD F . 12.45 -23.41 -10.01
C5B NAD F . 13.28 -24.24 -9.11
C4B NAD F . 14.61 -23.54 -9.05
O4B NAD F . 15.44 -24.39 -8.14
C3B NAD F . 15.45 -23.54 -10.39
O3B NAD F . 15.82 -22.12 -10.71
C2B NAD F . 16.68 -24.37 -10.16
O2B NAD F . 17.82 -24.13 -10.81
C1B NAD F . 16.76 -24.28 -8.60
N9A NAD F . 17.50 -25.40 -8.06
C8A NAD F . 17.57 -26.75 -8.27
N7A NAD F . 18.42 -27.42 -7.52
C5A NAD F . 18.99 -26.50 -6.74
C6A NAD F . 20.04 -26.62 -5.67
N6A NAD F . 20.60 -27.74 -5.33
N1A NAD F . 20.32 -25.41 -5.12
C2A NAD F . 19.83 -24.20 -5.38
N3A NAD F . 18.83 -24.03 -6.38
C4A NAD F . 18.46 -25.22 -7.03
O3 NAD F . 10.19 -24.30 -9.72
PN NAD F . 9.15 -23.56 -8.82
O1N NAD F . 7.86 -23.46 -9.54
O2N NAD F . 9.77 -22.27 -8.41
O5D NAD F . 8.80 -24.48 -7.53
C5D NAD F . 9.96 -24.70 -6.65
C4D NAD F . 9.65 -25.86 -5.75
O4D NAD F . 8.48 -25.52 -4.86
C3D NAD F . 9.17 -27.20 -6.41
O3D NAD F . 9.75 -28.32 -5.70
C2D NAD F . 7.63 -27.21 -6.33
O2D NAD F . 6.99 -28.46 -6.45
C1D NAD F . 7.41 -26.55 -4.95
N1N NAD F . 6.11 -25.85 -4.64
C2N NAD F . 5.49 -26.02 -3.41
C3N NAD F . 4.33 -25.38 -3.16
C7N NAD F . 3.64 -25.56 -1.80
O7N NAD F . 2.44 -25.57 -1.58
N7N NAD F . 4.59 -25.73 -0.75
C4N NAD F . 3.66 -24.50 -4.15
C5N NAD F . 4.38 -24.39 -5.37
C6N NAD F . 5.54 -25.00 -5.66
PA NAD G . 7.62 -14.02 -23.97
O1A NAD G . 8.18 -14.64 -25.17
O2A NAD G . 7.76 -14.69 -22.59
O5B NAD G . 6.02 -13.80 -24.06
C5B NAD G . 5.36 -13.36 -25.31
C4B NAD G . 3.98 -13.97 -25.24
O4B NAD G . 3.32 -13.53 -26.51
C3B NAD G . 3.93 -15.54 -25.34
O3B NAD G . 3.15 -16.04 -24.15
C2B NAD G . 3.26 -15.91 -26.64
O2B NAD G . 2.55 -17.04 -26.77
C1B NAD G . 2.48 -14.58 -26.91
N9A NAD G . 2.24 -14.39 -28.32
C8A NAD G . 2.95 -14.51 -29.49
N7A NAD G . 2.31 -14.21 -30.61
C5A NAD G . 1.08 -13.85 -30.22
C6A NAD G . -0.12 -13.41 -31.01
N6A NAD G . -0.14 -13.29 -32.31
N1A NAD G . -1.19 -13.14 -30.19
C2A NAD G . -1.30 -13.23 -28.85
N3A NAD G . -0.19 -13.65 -28.06
C4A NAD G . 0.97 -13.94 -28.80
O3 NAD G . 8.14 -12.57 -23.80
PN NAD G . 8.13 -11.34 -22.84
O1N NAD G . 9.36 -11.35 -22.00
O2N NAD G . 6.83 -11.39 -22.09
O5D NAD G . 8.26 -9.97 -23.70
C5D NAD G . 7.11 -9.76 -24.61
C4D NAD G . 7.43 -8.66 -25.58
O4D NAD G . 7.84 -7.38 -24.90
C3D NAD G . 8.61 -8.88 -26.58
O3D NAD G . 8.24 -8.37 -27.89
C2D NAD G . 9.83 -8.12 -26.00
O2D NAD G . 10.88 -7.84 -26.88
C1D NAD G . 9.12 -6.85 -25.45
N1N NAD G . 9.78 -6.01 -24.37
C2N NAD G . 9.81 -4.64 -24.48
C3N NAD G . 10.42 -3.91 -23.49
C7N NAD G . 10.45 -2.40 -23.61
O7N NAD G . 11.38 -1.67 -23.29
N7N NAD G . 9.25 -1.86 -24.16
C4N NAD G . 11.05 -4.53 -22.31
C5N NAD G . 10.97 -5.94 -22.30
C6N NAD G . 10.39 -6.70 -23.24
PA NAD H . -1.23 20.90 19.66
O1A NAD H . -1.46 22.11 20.43
O2A NAD H . -2.36 20.20 18.94
O5B NAD H . -0.61 19.70 20.55
C5B NAD H . 0.58 19.86 21.39
C4B NAD H . 0.50 18.76 22.42
O4B NAD H . 1.74 18.95 23.26
C3B NAD H . -0.66 18.87 23.46
O3B NAD H . -1.45 17.58 23.45
C2B NAD H . -0.05 19.12 24.81
O2B NAD H . -0.65 18.73 25.95
C1B NAD H . 1.37 18.55 24.55
N9A NAD H . 2.34 19.11 25.45
C8A NAD H . 2.61 20.36 25.95
N7A NAD H . 3.61 20.43 26.80
C5A NAD H . 4.08 19.19 26.92
C6A NAD H . 5.20 18.64 27.74
N6A NAD H . 5.95 19.36 28.53
N1A NAD H . 5.33 17.29 27.56
C2A NAD H . 4.63 16.45 26.79
N3A NAD H . 3.55 16.92 25.99
C4A NAD H . 3.33 18.32 26.11
O3 NAD H . -0.14 21.13 18.60
PN NAD H . 0.34 20.60 17.22
O1N NAD H . -0.50 21.16 16.15
O2N NAD H . 0.36 19.11 17.32
O5D NAD H . 1.82 21.19 16.92
C5D NAD H . 2.82 20.73 17.90
C4D NAD H . 4.04 21.59 17.75
O4D NAD H . 4.63 21.42 16.38
C3D NAD H . 3.87 23.14 17.85
O3D NAD H . 4.99 23.70 18.58
C2D NAD H . 3.82 23.69 16.41
O2D NAD H . 4.13 25.05 16.23
C1D NAD H . 4.85 22.74 15.73
N1N NAD H . 4.81 22.53 14.23
C2N NAD H . 5.97 22.50 13.49
C3N NAD H . 5.90 22.31 12.15
C7N NAD H . 7.18 22.27 11.33
O7N NAD H . 7.31 22.62 10.17
N7N NAD H . 8.29 21.76 12.08
C4N NAD H . 4.62 22.12 11.43
C5N NAD H . 3.49 22.17 12.28
C6N NAD H . 3.51 22.36 13.62
#